data_6RR8
#
_entry.id   6RR8
#
_cell.length_a   50.889
_cell.length_b   76.647
_cell.length_c   76.579
_cell.angle_alpha   90.00
_cell.angle_beta   108.01
_cell.angle_gamma   90.00
#
_symmetry.space_group_name_H-M   'P 1 21 1'
#
loop_
_entity.id
_entity.type
_entity.pdbx_description
1 polymer 'Iron-dependent peroxidase'
2 non-polymer 'PROTOPORPHYRIN IX CONTAINING FE'
3 non-polymer GLYCEROL
4 non-polymer 'MAGNESIUM ION'
5 water water
#
_entity_poly.entity_id   1
_entity_poly.type   'polypeptide(L)'
_entity_poly.pdbx_seq_one_letter_code
;PLGMSQVQSGILPEHCRAAIWIEANLKGDVNALREASKIFVDNVATFQAKFPDAKLGAVVAFGNNVWRQLSGGEGADELK
DFPVYGKGLAPSTQYDLLIHILSARHEVNFSVAQAALAAFGDAIDVKEEIHGFRWVEERDLSGFVDGTENPAGEETRREV
AVIKDGVDAGGSYVFVQRWEHNLKQLNRMSVPDQEMMIGRTKDANEEIDGDERPVTSHLSRVDLKEDGKGLKIVRQSLPY
GTASGTHGLYFCAYCARLYNIEQQLLSMFGDTDGKRDAMLRFTKPVTGGYYFAPSLERIQALG
;
_entity_poly.pdbx_strand_id   A,B
#
loop_
_chem_comp.id
_chem_comp.type
_chem_comp.name
_chem_comp.formula
GOL non-polymer GLYCEROL 'C3 H8 O3'
HEM non-polymer 'PROTOPORPHYRIN IX CONTAINING FE' 'C34 H32 Fe N4 O4'
MG non-polymer 'MAGNESIUM ION' 'Mg 2'
#
# COMPACT_ATOMS: atom_id res chain seq x y z
N GLY A 3 18.79 -26.78 24.12
CA GLY A 3 18.63 -27.83 23.09
C GLY A 3 17.19 -27.97 22.59
N MET A 4 16.62 -26.88 22.12
CA MET A 4 15.24 -26.85 21.62
C MET A 4 15.16 -25.88 20.44
N SER A 5 13.97 -25.61 19.92
CA SER A 5 13.80 -24.80 18.68
C SER A 5 12.95 -23.55 18.92
N GLN A 6 13.20 -22.54 18.12
CA GLN A 6 12.47 -21.26 18.25
C GLN A 6 11.76 -21.01 16.92
N VAL A 7 10.48 -20.70 16.98
CA VAL A 7 9.70 -20.41 15.77
C VAL A 7 10.16 -19.08 15.19
N GLN A 8 10.05 -18.92 13.89
CA GLN A 8 10.28 -17.59 13.28
C GLN A 8 9.18 -16.64 13.82
N SER A 9 9.49 -15.36 14.00
CA SER A 9 8.61 -14.36 14.66
C SER A 9 7.30 -14.02 13.90
N GLY A 10 7.18 -14.31 12.61
CA GLY A 10 6.00 -13.85 11.85
C GLY A 10 4.86 -14.85 11.74
N ILE A 11 4.98 -16.03 12.33
CA ILE A 11 3.93 -17.06 12.17
C ILE A 11 2.77 -16.80 13.14
N LEU A 12 3.07 -16.58 14.40
CA LEU A 12 2.05 -16.53 15.46
C LEU A 12 1.36 -15.20 15.72
N PRO A 13 1.95 -14.02 15.47
CA PRO A 13 1.28 -12.77 15.83
C PRO A 13 -0.18 -12.69 15.35
N GLU A 14 -1.06 -12.14 16.19
CA GLU A 14 -2.48 -11.95 15.86
C GLU A 14 -2.82 -10.44 15.68
N HIS A 15 -3.85 -10.15 14.91
CA HIS A 15 -4.38 -8.79 14.63
C HIS A 15 -3.34 -7.82 14.04
N CYS A 16 -2.37 -8.33 13.26
N CYS A 16 -2.31 -8.30 13.34
CA CYS A 16 -1.38 -7.50 12.48
CA CYS A 16 -1.41 -7.27 12.77
C CYS A 16 -2.14 -6.52 11.58
C CYS A 16 -2.17 -6.46 11.71
N ARG A 17 -1.93 -5.22 11.63
N ARG A 17 -1.94 -5.15 11.66
CA ARG A 17 -2.71 -4.35 10.72
CA ARG A 17 -2.62 -4.21 10.75
C ARG A 17 -2.10 -4.34 9.31
C ARG A 17 -2.08 -4.34 9.32
N ALA A 18 -0.81 -4.68 9.18
CA ALA A 18 -0.17 -4.60 7.86
C ALA A 18 0.87 -5.70 7.64
N ALA A 19 1.07 -6.01 6.36
CA ALA A 19 2.05 -7.04 5.98
C ALA A 19 2.63 -6.78 4.60
N ILE A 20 3.78 -7.35 4.36
CA ILE A 20 4.38 -7.36 3.03
C ILE A 20 4.76 -8.82 2.70
N TRP A 21 4.40 -9.27 1.51
CA TRP A 21 4.78 -10.60 1.01
C TRP A 21 5.63 -10.42 -0.24
N ILE A 22 6.81 -11.01 -0.27
CA ILE A 22 7.68 -11.02 -1.45
C ILE A 22 7.85 -12.49 -1.88
N GLU A 23 7.59 -12.78 -3.15
CA GLU A 23 7.75 -14.13 -3.75
C GLU A 23 8.84 -13.99 -4.83
N ALA A 24 9.86 -14.82 -4.79
CA ALA A 24 10.96 -14.68 -5.76
C ALA A 24 11.51 -16.04 -6.19
N ASN A 25 12.13 -16.04 -7.35
CA ASN A 25 12.86 -17.21 -7.88
C ASN A 25 14.35 -17.00 -7.61
N LEU A 26 15.07 -18.09 -7.47
CA LEU A 26 16.54 -18.10 -7.28
C LEU A 26 17.18 -17.90 -8.65
N LYS A 27 18.11 -16.97 -8.80
CA LYS A 27 18.77 -16.73 -10.08
C LYS A 27 20.11 -17.47 -10.15
N GLY A 28 20.78 -17.69 -9.04
CA GLY A 28 22.08 -18.36 -9.16
C GLY A 28 22.22 -19.60 -8.29
N ASP A 29 23.46 -19.85 -7.87
CA ASP A 29 23.83 -20.93 -6.96
C ASP A 29 22.96 -20.71 -5.71
N VAL A 30 22.33 -21.77 -5.23
CA VAL A 30 21.47 -21.80 -4.02
C VAL A 30 22.30 -21.34 -2.80
N ASN A 31 23.64 -21.40 -2.89
CA ASN A 31 24.58 -20.98 -1.80
C ASN A 31 24.28 -19.56 -1.35
N ALA A 32 24.01 -18.70 -2.31
CA ALA A 32 23.66 -17.30 -2.09
C ALA A 32 22.57 -17.20 -0.98
N LEU A 33 21.64 -18.16 -0.89
CA LEU A 33 20.48 -18.06 0.05
C LEU A 33 20.90 -18.26 1.53
N ARG A 34 22.04 -18.92 1.78
CA ARG A 34 22.52 -19.22 3.15
C ARG A 34 22.88 -17.94 3.90
N GLU A 35 23.90 -17.21 3.47
CA GLU A 35 24.27 -15.96 4.17
C GLU A 35 23.13 -14.93 4.12
N ALA A 36 22.45 -14.79 2.98
CA ALA A 36 21.34 -13.82 2.85
C ALA A 36 20.28 -14.05 3.96
N SER A 37 19.88 -15.30 4.15
CA SER A 37 18.84 -15.67 5.13
C SER A 37 19.32 -15.31 6.57
N LYS A 38 20.57 -15.61 6.90
CA LYS A 38 21.12 -15.30 8.24
C LYS A 38 21.13 -13.78 8.42
N ILE A 39 21.58 -13.05 7.42
CA ILE A 39 21.63 -11.58 7.46
C ILE A 39 20.21 -11.05 7.68
N PHE A 40 19.27 -11.60 6.93
CA PHE A 40 17.87 -11.10 6.98
C PHE A 40 17.28 -11.30 8.39
N VAL A 41 17.36 -12.48 8.98
CA VAL A 41 16.82 -12.69 10.34
C VAL A 41 17.60 -11.79 11.35
N ASP A 42 18.88 -11.52 11.10
CA ASP A 42 19.61 -10.60 12.01
C ASP A 42 19.01 -9.18 11.88
N ASN A 43 18.65 -8.79 10.67
CA ASN A 43 18.05 -7.47 10.38
C ASN A 43 16.72 -7.37 11.14
N VAL A 44 15.95 -8.45 11.12
CA VAL A 44 14.64 -8.47 11.81
C VAL A 44 14.84 -8.17 13.30
N ALA A 45 15.86 -8.78 13.91
CA ALA A 45 16.16 -8.57 15.34
C ALA A 45 16.50 -7.11 15.55
N THR A 46 17.28 -6.54 14.64
CA THR A 46 17.67 -5.13 14.72
C THR A 46 16.40 -4.28 14.65
N PHE A 47 15.49 -4.57 13.71
CA PHE A 47 14.28 -3.71 13.59
C PHE A 47 13.41 -3.90 14.83
N GLN A 48 13.36 -5.10 15.37
CA GLN A 48 12.53 -5.35 16.59
C GLN A 48 13.09 -4.52 17.76
N ALA A 49 14.40 -4.37 17.83
CA ALA A 49 15.05 -3.58 18.90
C ALA A 49 14.74 -2.09 18.73
N LYS A 50 14.82 -1.58 17.51
CA LYS A 50 14.63 -0.13 17.19
C LYS A 50 13.15 0.27 17.22
N PHE A 51 12.26 -0.65 16.88
CA PHE A 51 10.81 -0.37 16.82
C PHE A 51 10.08 -1.41 17.66
N PRO A 52 10.28 -1.41 18.99
CA PRO A 52 9.60 -2.34 19.86
C PRO A 52 8.06 -2.17 19.82
N ASP A 53 7.54 -0.98 19.55
CA ASP A 53 6.06 -0.79 19.56
C ASP A 53 5.44 -1.25 18.21
N ALA A 54 6.25 -1.60 17.21
CA ALA A 54 5.78 -2.08 15.90
C ALA A 54 5.23 -3.52 16.04
N LYS A 55 5.68 -4.25 17.06
CA LYS A 55 5.27 -5.66 17.27
C LYS A 55 5.52 -6.40 15.95
N LEU A 56 6.74 -6.28 15.44
CA LEU A 56 7.17 -6.78 14.12
C LEU A 56 7.47 -8.28 14.16
N GLY A 57 7.08 -8.99 13.14
CA GLY A 57 7.47 -10.40 12.96
C GLY A 57 7.77 -10.65 11.49
N ALA A 58 8.62 -11.62 11.18
CA ALA A 58 8.90 -11.97 9.77
C ALA A 58 9.16 -13.48 9.65
N VAL A 59 8.98 -13.97 8.42
CA VAL A 59 9.21 -15.38 8.06
C VAL A 59 9.99 -15.46 6.74
N VAL A 60 11.02 -16.31 6.71
N VAL A 60 11.02 -16.32 6.71
CA VAL A 60 11.71 -16.68 5.47
CA VAL A 60 11.72 -16.68 5.45
C VAL A 60 11.40 -18.17 5.21
C VAL A 60 11.43 -18.17 5.20
N ALA A 61 10.86 -18.49 4.04
CA ALA A 61 10.38 -19.85 3.73
C ALA A 61 10.87 -20.24 2.34
N PHE A 62 11.03 -21.53 2.15
CA PHE A 62 11.67 -22.01 0.92
C PHE A 62 10.78 -22.99 0.14
N GLY A 63 10.86 -22.90 -1.17
CA GLY A 63 10.18 -23.81 -2.08
C GLY A 63 10.83 -25.18 -2.09
N ASN A 64 10.11 -26.17 -2.62
CA ASN A 64 10.57 -27.60 -2.54
C ASN A 64 11.99 -27.81 -3.06
N ASN A 65 12.25 -27.38 -4.27
CA ASN A 65 13.55 -27.62 -4.92
C ASN A 65 14.69 -27.01 -4.10
N VAL A 66 14.62 -25.74 -3.73
N VAL A 66 14.57 -25.76 -3.72
CA VAL A 66 15.78 -25.15 -3.02
CA VAL A 66 15.69 -25.11 -2.99
C VAL A 66 15.80 -25.73 -1.60
C VAL A 66 15.81 -25.70 -1.58
N TRP A 67 14.69 -25.98 -0.93
CA TRP A 67 14.76 -26.53 0.45
C TRP A 67 15.39 -27.92 0.43
N ARG A 68 15.07 -28.73 -0.56
CA ARG A 68 15.68 -30.08 -0.65
C ARG A 68 17.21 -29.87 -0.71
N GLN A 69 17.67 -28.83 -1.41
CA GLN A 69 19.13 -28.61 -1.56
C GLN A 69 19.73 -28.13 -0.23
N LEU A 70 19.11 -27.15 0.38
CA LEU A 70 19.60 -26.57 1.66
C LEU A 70 19.55 -27.58 2.83
N SER A 71 18.56 -28.47 2.89
CA SER A 71 18.35 -29.48 3.97
C SER A 71 19.09 -30.81 3.70
N GLY A 72 19.57 -31.03 2.49
CA GLY A 72 20.22 -32.28 2.09
C GLY A 72 19.21 -33.43 2.02
N GLY A 73 17.95 -33.08 1.83
CA GLY A 73 16.83 -34.01 1.71
C GLY A 73 16.27 -34.50 3.02
N GLU A 74 16.77 -34.06 4.16
CA GLU A 74 16.30 -34.51 5.49
C GLU A 74 15.05 -33.71 5.88
N GLY A 75 14.01 -34.37 6.38
CA GLY A 75 12.80 -33.70 6.85
C GLY A 75 11.97 -33.05 5.77
N ALA A 76 11.02 -32.21 6.21
CA ALA A 76 10.04 -31.52 5.36
C ALA A 76 9.41 -32.56 4.43
N ASP A 77 8.99 -33.66 5.01
CA ASP A 77 8.48 -34.84 4.27
C ASP A 77 7.30 -34.49 3.36
N GLU A 78 6.41 -33.61 3.79
CA GLU A 78 5.21 -33.31 2.99
C GLU A 78 5.49 -32.27 1.92
N LEU A 79 6.66 -31.61 1.95
CA LEU A 79 6.93 -30.48 1.04
C LEU A 79 6.92 -30.99 -0.42
N LYS A 80 6.31 -30.23 -1.31
CA LYS A 80 6.28 -30.56 -2.74
C LYS A 80 5.93 -29.28 -3.50
N ASP A 81 6.18 -29.21 -4.80
CA ASP A 81 5.75 -28.05 -5.61
C ASP A 81 4.20 -27.95 -5.54
N PHE A 82 3.67 -26.74 -5.48
CA PHE A 82 2.20 -26.55 -5.39
C PHE A 82 1.56 -27.11 -6.66
N PRO A 83 0.64 -28.08 -6.61
CA PRO A 83 0.11 -28.52 -7.84
C PRO A 83 -1.10 -27.68 -8.25
N VAL A 84 -1.52 -27.91 -9.47
CA VAL A 84 -2.76 -27.33 -9.98
C VAL A 84 -3.86 -28.10 -9.26
N TYR A 85 -4.90 -27.43 -8.83
CA TYR A 85 -6.08 -28.08 -8.24
C TYR A 85 -7.25 -27.82 -9.19
N GLY A 86 -8.21 -28.73 -9.21
CA GLY A 86 -9.42 -28.56 -10.04
C GLY A 86 -9.07 -28.51 -11.52
N LYS A 87 -8.00 -29.19 -11.91
CA LYS A 87 -7.52 -29.21 -13.32
C LYS A 87 -7.18 -27.78 -13.79
N GLY A 88 -6.87 -26.83 -12.93
CA GLY A 88 -6.55 -25.47 -13.41
C GLY A 88 -7.42 -24.37 -12.80
N LEU A 89 -8.47 -24.75 -12.07
CA LEU A 89 -9.34 -23.79 -11.35
C LEU A 89 -8.46 -23.03 -10.36
N ALA A 90 -7.50 -23.73 -9.75
CA ALA A 90 -6.48 -23.11 -8.87
C ALA A 90 -5.15 -23.18 -9.64
N PRO A 91 -4.64 -22.07 -10.17
CA PRO A 91 -3.40 -22.11 -10.91
C PRO A 91 -2.22 -22.30 -9.96
N SER A 92 -1.09 -22.66 -10.55
CA SER A 92 0.14 -22.95 -9.79
C SER A 92 1.28 -22.02 -10.25
N THR A 93 1.88 -21.28 -9.32
CA THR A 93 3.00 -20.33 -9.54
C THR A 93 4.00 -20.59 -8.40
N GLN A 94 4.63 -21.76 -8.44
CA GLN A 94 5.60 -22.18 -7.39
C GLN A 94 6.90 -21.40 -7.57
N TYR A 95 7.29 -20.58 -6.60
CA TYR A 95 8.57 -19.86 -6.62
C TYR A 95 9.55 -20.49 -5.60
N ASP A 96 10.74 -19.94 -5.48
CA ASP A 96 11.78 -20.53 -4.61
C ASP A 96 11.84 -19.92 -3.21
N LEU A 97 11.43 -18.67 -3.07
CA LEU A 97 11.59 -17.99 -1.76
C LEU A 97 10.35 -17.14 -1.44
N LEU A 98 9.91 -17.21 -0.21
CA LEU A 98 8.81 -16.39 0.29
C LEU A 98 9.35 -15.57 1.46
N ILE A 99 8.92 -14.31 1.54
N ILE A 99 9.01 -14.28 1.48
CA ILE A 99 9.31 -13.35 2.63
CA ILE A 99 9.33 -13.42 2.65
C ILE A 99 8.02 -12.70 3.13
C ILE A 99 8.00 -12.81 3.10
N HIS A 100 7.64 -13.05 4.36
CA HIS A 100 6.38 -12.55 4.95
C HIS A 100 6.79 -11.66 6.13
N ILE A 101 6.46 -10.37 6.05
CA ILE A 101 6.72 -9.36 7.10
C ILE A 101 5.36 -8.86 7.63
N LEU A 102 5.14 -8.87 8.94
CA LEU A 102 3.88 -8.30 9.44
C LEU A 102 4.17 -7.54 10.73
N SER A 103 3.41 -6.49 10.99
CA SER A 103 3.57 -5.60 12.16
C SER A 103 2.39 -4.62 12.25
N ALA A 104 2.41 -3.82 13.31
CA ALA A 104 1.43 -2.75 13.52
C ALA A 104 1.76 -1.52 12.66
N ARG A 105 2.88 -1.52 11.97
CA ARG A 105 3.30 -0.30 11.24
C ARG A 105 3.76 -0.62 9.82
N HIS A 106 3.02 -0.23 8.81
CA HIS A 106 3.43 -0.45 7.40
C HIS A 106 4.82 0.15 7.11
N GLU A 107 5.13 1.33 7.66
CA GLU A 107 6.41 2.01 7.35
C GLU A 107 7.60 1.13 7.81
N VAL A 108 7.44 0.48 8.96
CA VAL A 108 8.49 -0.43 9.47
C VAL A 108 8.57 -1.66 8.55
N ASN A 109 7.42 -2.19 8.13
CA ASN A 109 7.43 -3.32 7.17
C ASN A 109 8.22 -2.92 5.92
N PHE A 110 8.04 -1.71 5.45
CA PHE A 110 8.70 -1.25 4.22
C PHE A 110 10.23 -1.30 4.40
N SER A 111 10.73 -0.83 5.54
CA SER A 111 12.18 -0.80 5.79
C SER A 111 12.72 -2.24 5.81
N VAL A 112 11.95 -3.13 6.43
CA VAL A 112 12.33 -4.56 6.58
C VAL A 112 12.38 -5.19 5.16
N ALA A 113 11.41 -4.87 4.33
CA ALA A 113 11.34 -5.39 2.94
C ALA A 113 12.59 -4.87 2.19
N GLN A 114 12.95 -3.61 2.41
CA GLN A 114 14.17 -3.10 1.73
C GLN A 114 15.40 -3.90 2.22
N ALA A 115 15.47 -4.21 3.50
CA ALA A 115 16.59 -5.00 4.09
C ALA A 115 16.62 -6.40 3.47
N ALA A 116 15.45 -7.02 3.33
CA ALA A 116 15.34 -8.37 2.74
C ALA A 116 15.95 -8.32 1.33
N LEU A 117 15.56 -7.31 0.55
CA LEU A 117 16.06 -7.19 -0.84
C LEU A 117 17.57 -6.92 -0.87
N ALA A 118 18.08 -6.16 0.09
CA ALA A 118 19.52 -5.86 0.12
C ALA A 118 20.27 -7.13 0.53
N ALA A 119 19.69 -7.95 1.38
CA ALA A 119 20.38 -9.15 1.87
C ALA A 119 20.54 -10.14 0.71
N PHE A 120 19.46 -10.43 0.02
CA PHE A 120 19.47 -11.44 -1.07
C PHE A 120 20.07 -10.87 -2.35
N GLY A 121 19.88 -9.57 -2.55
CA GLY A 121 20.36 -8.84 -3.72
C GLY A 121 20.02 -9.50 -5.06
N ASP A 122 20.96 -9.53 -6.00
CA ASP A 122 20.71 -10.00 -7.39
C ASP A 122 20.68 -11.54 -7.49
N ALA A 123 20.71 -12.25 -6.38
CA ALA A 123 20.60 -13.73 -6.32
C ALA A 123 19.15 -14.14 -6.59
N ILE A 124 18.21 -13.25 -6.40
CA ILE A 124 16.76 -13.56 -6.58
C ILE A 124 16.13 -12.65 -7.64
N ASP A 125 15.05 -13.15 -8.22
CA ASP A 125 14.22 -12.45 -9.22
C ASP A 125 12.84 -12.28 -8.57
N VAL A 126 12.50 -11.07 -8.15
CA VAL A 126 11.22 -10.88 -7.43
C VAL A 126 10.03 -11.02 -8.41
N LYS A 127 9.11 -11.91 -8.12
CA LYS A 127 7.91 -12.16 -8.97
C LYS A 127 6.66 -11.42 -8.48
N GLU A 128 6.52 -11.31 -7.16
CA GLU A 128 5.35 -10.68 -6.54
C GLU A 128 5.78 -9.92 -5.29
N GLU A 129 5.27 -8.73 -5.11
CA GLU A 129 5.45 -7.98 -3.87
C GLU A 129 4.05 -7.39 -3.57
N ILE A 130 3.41 -7.87 -2.51
CA ILE A 130 2.02 -7.45 -2.18
C ILE A 130 1.97 -6.76 -0.82
N HIS A 131 1.30 -5.62 -0.74
CA HIS A 131 1.19 -4.85 0.51
C HIS A 131 -0.21 -5.13 1.07
N GLY A 132 -0.31 -5.87 2.15
CA GLY A 132 -1.63 -6.19 2.70
C GLY A 132 -2.01 -5.17 3.73
N PHE A 133 -3.32 -4.90 3.87
CA PHE A 133 -3.80 -3.96 4.89
C PHE A 133 -5.09 -4.50 5.54
N ARG A 134 -5.20 -4.35 6.84
CA ARG A 134 -6.44 -4.74 7.52
C ARG A 134 -7.51 -3.69 7.13
N TRP A 135 -8.67 -4.13 6.70
CA TRP A 135 -9.76 -3.18 6.35
C TRP A 135 -10.70 -3.03 7.56
N VAL A 136 -11.63 -2.12 7.39
CA VAL A 136 -12.60 -1.75 8.45
C VAL A 136 -13.28 -3.02 9.01
N GLU A 137 -13.29 -3.16 10.33
CA GLU A 137 -13.91 -4.25 11.09
C GLU A 137 -13.31 -5.63 10.73
N GLU A 138 -12.08 -5.64 10.26
CA GLU A 138 -11.34 -6.88 9.86
C GLU A 138 -12.10 -7.60 8.75
N ARG A 139 -12.80 -6.83 7.92
CA ARG A 139 -13.57 -7.43 6.81
C ARG A 139 -12.68 -7.60 5.56
N ASP A 140 -12.97 -8.65 4.80
CA ASP A 140 -12.43 -8.83 3.42
C ASP A 140 -13.08 -7.70 2.58
N LEU A 141 -12.55 -7.42 1.40
CA LEU A 141 -13.09 -6.35 0.53
C LEU A 141 -14.53 -6.70 0.08
N SER A 142 -14.92 -7.96 0.18
CA SER A 142 -16.31 -8.40 -0.13
C SER A 142 -17.31 -7.79 0.86
N GLY A 143 -16.85 -7.44 2.05
CA GLY A 143 -17.70 -6.90 3.14
C GLY A 143 -18.01 -7.95 4.21
N PHE A 144 -17.44 -9.13 4.08
CA PHE A 144 -17.61 -10.19 5.11
C PHE A 144 -16.37 -10.21 6.04
N VAL A 145 -16.60 -10.32 7.34
CA VAL A 145 -15.50 -10.40 8.34
C VAL A 145 -14.62 -11.65 8.02
N ASP A 146 -13.30 -11.49 8.02
CA ASP A 146 -12.33 -12.58 7.76
C ASP A 146 -11.53 -12.83 9.04
N GLY A 147 -11.63 -13.99 9.66
CA GLY A 147 -10.78 -14.35 10.80
C GLY A 147 -11.50 -14.96 12.00
N THR A 148 -12.81 -14.87 12.04
CA THR A 148 -13.61 -15.28 13.21
C THR A 148 -13.23 -16.65 13.77
N GLU A 149 -13.09 -17.66 12.93
CA GLU A 149 -12.81 -19.03 13.44
C GLU A 149 -11.33 -19.39 13.26
N ASN A 150 -10.50 -18.40 13.09
CA ASN A 150 -9.03 -18.61 12.99
C ASN A 150 -8.56 -19.05 14.39
N PRO A 151 -7.62 -20.01 14.55
CA PRO A 151 -7.12 -20.35 15.88
C PRO A 151 -6.73 -19.08 16.67
N ALA A 152 -7.16 -19.00 17.93
CA ALA A 152 -6.98 -17.80 18.77
C ALA A 152 -6.03 -18.07 19.96
N GLY A 153 -5.11 -17.15 20.24
CA GLY A 153 -4.16 -17.31 21.36
C GLY A 153 -2.90 -18.10 20.96
N GLU A 154 -1.78 -17.77 21.57
CA GLU A 154 -0.45 -18.34 21.26
C GLU A 154 -0.42 -19.86 21.39
N GLU A 155 -1.04 -20.39 22.45
CA GLU A 155 -1.05 -21.82 22.78
C GLU A 155 -1.66 -22.64 21.64
N THR A 156 -2.88 -22.32 21.25
CA THR A 156 -3.62 -23.05 20.19
C THR A 156 -2.96 -22.78 18.83
N ARG A 157 -2.54 -21.54 18.57
CA ARG A 157 -1.87 -21.22 17.28
C ARG A 157 -0.59 -22.07 17.12
N ARG A 158 0.19 -22.22 18.18
CA ARG A 158 1.39 -23.10 18.15
C ARG A 158 0.98 -24.54 17.85
N GLU A 159 -0.07 -25.03 18.52
CA GLU A 159 -0.56 -26.43 18.33
C GLU A 159 -0.90 -26.64 16.85
N VAL A 160 -1.51 -25.64 16.22
CA VAL A 160 -1.97 -25.81 14.82
C VAL A 160 -0.84 -25.59 13.80
N ALA A 161 0.01 -24.60 14.03
CA ALA A 161 0.99 -24.15 13.01
C ALA A 161 2.39 -24.67 13.19
N VAL A 162 2.80 -25.04 14.41
CA VAL A 162 4.24 -25.29 14.64
C VAL A 162 4.57 -26.79 14.83
N ILE A 163 5.50 -27.32 14.02
CA ILE A 163 5.93 -28.74 14.11
C ILE A 163 6.50 -28.98 15.53
N LYS A 164 6.06 -30.06 16.19
CA LYS A 164 6.35 -30.28 17.63
C LYS A 164 7.67 -30.99 17.90
N ASP A 165 8.16 -31.85 17.03
CA ASP A 165 9.43 -32.57 17.37
C ASP A 165 10.13 -33.09 16.11
N GLY A 166 11.29 -33.69 16.30
CA GLY A 166 12.06 -34.20 15.17
C GLY A 166 12.87 -33.07 14.59
N VAL A 167 13.49 -33.34 13.47
CA VAL A 167 14.42 -32.35 12.88
C VAL A 167 13.71 -31.04 12.53
N ASP A 168 12.43 -31.08 12.18
CA ASP A 168 11.69 -29.86 11.74
C ASP A 168 11.03 -29.13 12.91
N ALA A 169 11.30 -29.50 14.17
CA ALA A 169 10.65 -28.88 15.34
C ALA A 169 10.81 -27.35 15.27
N GLY A 170 9.73 -26.59 15.43
CA GLY A 170 9.76 -25.11 15.35
C GLY A 170 9.45 -24.58 13.95
N GLY A 171 9.36 -25.47 12.97
CA GLY A 171 9.10 -25.08 11.57
C GLY A 171 7.62 -25.15 11.26
N SER A 172 7.27 -24.78 10.05
CA SER A 172 5.86 -24.74 9.63
C SER A 172 5.76 -24.80 8.10
N TYR A 173 4.65 -25.29 7.60
CA TYR A 173 4.38 -25.28 6.15
C TYR A 173 3.57 -24.01 5.86
N VAL A 174 3.87 -23.35 4.77
CA VAL A 174 3.16 -22.09 4.40
C VAL A 174 2.50 -22.29 3.02
N PHE A 175 1.34 -21.70 2.85
CA PHE A 175 0.59 -21.67 1.59
C PHE A 175 0.25 -20.20 1.25
N VAL A 176 0.58 -19.73 0.07
CA VAL A 176 0.20 -18.35 -0.36
C VAL A 176 -0.57 -18.42 -1.69
N GLN A 177 -1.62 -17.64 -1.81
CA GLN A 177 -2.51 -17.65 -3.00
C GLN A 177 -3.12 -16.25 -3.13
N ARG A 178 -2.83 -15.51 -4.21
CA ARG A 178 -3.40 -14.16 -4.39
C ARG A 178 -4.74 -14.25 -5.15
N TRP A 179 -5.81 -13.69 -4.60
CA TRP A 179 -7.16 -13.68 -5.23
C TRP A 179 -7.45 -12.28 -5.82
N GLU A 180 -8.07 -12.25 -7.00
CA GLU A 180 -8.50 -10.99 -7.63
C GLU A 180 -10.05 -10.94 -7.53
N HIS A 181 -10.58 -10.05 -6.73
CA HIS A 181 -12.04 -9.88 -6.53
C HIS A 181 -12.68 -9.09 -7.67
N ASN A 182 -13.84 -9.52 -8.14
CA ASN A 182 -14.64 -8.75 -9.11
C ASN A 182 -15.80 -8.20 -8.26
N LEU A 183 -15.65 -7.01 -7.68
CA LEU A 183 -16.67 -6.48 -6.75
C LEU A 183 -17.96 -6.08 -7.49
N LYS A 184 -17.83 -5.75 -8.77
CA LYS A 184 -19.02 -5.45 -9.61
C LYS A 184 -19.87 -6.72 -9.69
N GLN A 185 -19.26 -7.86 -9.95
CA GLN A 185 -19.96 -9.17 -10.03
C GLN A 185 -20.57 -9.47 -8.67
N LEU A 186 -19.84 -9.18 -7.59
CA LEU A 186 -20.36 -9.46 -6.23
C LEU A 186 -21.60 -8.60 -5.95
N ASN A 187 -21.57 -7.33 -6.32
CA ASN A 187 -22.67 -6.37 -6.02
C ASN A 187 -23.94 -6.70 -6.83
N ARG A 188 -23.83 -7.49 -7.90
CA ARG A 188 -24.97 -7.98 -8.72
C ARG A 188 -25.77 -9.03 -7.92
N MET A 189 -25.12 -9.63 -6.92
CA MET A 189 -25.71 -10.66 -6.06
C MET A 189 -26.47 -10.00 -4.91
N SER A 190 -27.65 -10.53 -4.58
CA SER A 190 -28.41 -10.08 -3.41
C SER A 190 -27.63 -10.45 -2.15
N VAL A 191 -27.81 -9.73 -1.05
CA VAL A 191 -27.08 -10.00 0.23
C VAL A 191 -27.41 -11.42 0.70
N PRO A 192 -28.67 -11.87 0.70
CA PRO A 192 -28.98 -13.24 1.03
C PRO A 192 -28.19 -14.25 0.15
N ASP A 193 -28.01 -14.00 -1.16
CA ASP A 193 -27.26 -14.95 -2.02
C ASP A 193 -25.78 -14.93 -1.62
N GLN A 194 -25.26 -13.76 -1.25
CA GLN A 194 -23.86 -13.63 -0.82
C GLN A 194 -23.63 -14.46 0.44
N GLU A 195 -24.56 -14.33 1.38
CA GLU A 195 -24.53 -15.03 2.68
C GLU A 195 -24.55 -16.55 2.43
N MET A 196 -25.37 -17.03 1.51
CA MET A 196 -25.42 -18.48 1.21
C MET A 196 -24.11 -18.94 0.54
N MET A 197 -23.42 -18.02 -0.13
CA MET A 197 -22.14 -18.25 -0.82
C MET A 197 -21.00 -18.42 0.19
N ILE A 198 -20.98 -17.61 1.24
CA ILE A 198 -19.93 -17.64 2.30
C ILE A 198 -20.25 -18.68 3.39
N GLY A 199 -21.49 -18.70 3.88
CA GLY A 199 -21.93 -19.54 5.00
C GLY A 199 -22.04 -18.77 6.32
N ARG A 200 -21.97 -17.45 6.28
CA ARG A 200 -22.13 -16.57 7.48
C ARG A 200 -22.95 -15.33 7.08
N THR A 201 -23.69 -14.72 7.99
CA THR A 201 -24.46 -13.51 7.65
C THR A 201 -23.48 -12.34 7.46
N LYS A 202 -23.85 -11.37 6.62
CA LYS A 202 -22.88 -10.33 6.20
C LYS A 202 -22.65 -9.32 7.31
N ASP A 203 -23.68 -8.61 7.75
CA ASP A 203 -23.57 -7.54 8.78
C ASP A 203 -23.13 -8.08 10.13
N ALA A 204 -23.92 -8.99 10.69
CA ALA A 204 -23.70 -9.53 12.06
C ALA A 204 -22.70 -10.68 12.12
N ASN A 205 -22.33 -11.27 10.99
CA ASN A 205 -21.29 -12.33 10.96
C ASN A 205 -21.69 -13.49 11.86
N GLU A 206 -22.92 -13.96 11.72
CA GLU A 206 -23.44 -15.15 12.41
C GLU A 206 -23.27 -16.37 11.51
N GLU A 207 -22.84 -17.51 12.05
CA GLU A 207 -22.68 -18.71 11.19
C GLU A 207 -24.08 -19.19 10.79
N ILE A 208 -24.26 -19.52 9.51
CA ILE A 208 -25.50 -20.14 9.00
C ILE A 208 -25.30 -21.64 9.23
N ASP A 209 -26.28 -22.36 9.77
CA ASP A 209 -26.09 -23.81 10.06
C ASP A 209 -25.71 -24.61 8.81
N GLY A 210 -24.90 -25.63 8.98
CA GLY A 210 -24.43 -26.55 7.93
C GLY A 210 -25.56 -27.14 7.12
N ASP A 211 -26.70 -27.43 7.75
CA ASP A 211 -27.86 -28.03 7.05
C ASP A 211 -28.80 -26.96 6.47
N GLU A 212 -28.53 -25.69 6.70
CA GLU A 212 -29.35 -24.59 6.13
C GLU A 212 -28.68 -23.99 4.89
N ARG A 213 -27.36 -24.15 4.72
CA ARG A 213 -26.56 -23.54 3.63
C ARG A 213 -26.12 -24.57 2.58
N PRO A 214 -25.90 -24.16 1.33
CA PRO A 214 -25.47 -25.09 0.30
C PRO A 214 -24.10 -25.71 0.62
N VAL A 215 -23.86 -26.90 0.05
CA VAL A 215 -22.60 -27.64 0.25
C VAL A 215 -21.43 -26.92 -0.46
N THR A 216 -21.75 -26.05 -1.41
CA THR A 216 -20.81 -25.20 -2.18
C THR A 216 -20.48 -23.93 -1.38
N SER A 217 -21.11 -23.70 -0.22
CA SER A 217 -20.80 -22.51 0.60
C SER A 217 -19.34 -22.61 1.05
N HIS A 218 -18.67 -21.47 1.27
CA HIS A 218 -17.22 -21.46 1.61
C HIS A 218 -16.99 -22.27 2.88
N LEU A 219 -17.77 -22.00 3.93
CA LEU A 219 -17.61 -22.74 5.21
C LEU A 219 -17.81 -24.26 4.98
N SER A 220 -18.74 -24.65 4.12
CA SER A 220 -19.00 -26.10 3.89
C SER A 220 -17.80 -26.72 3.16
N ARG A 221 -17.09 -25.90 2.39
CA ARG A 221 -15.90 -26.36 1.63
C ARG A 221 -14.67 -26.52 2.53
N VAL A 222 -14.47 -25.60 3.48
CA VAL A 222 -13.20 -25.55 4.28
C VAL A 222 -13.33 -25.96 5.76
N ASP A 223 -14.53 -25.96 6.33
CA ASP A 223 -14.71 -26.42 7.73
C ASP A 223 -14.80 -27.96 7.70
N LEU A 224 -13.66 -28.62 7.62
CA LEU A 224 -13.57 -30.09 7.45
C LEU A 224 -13.13 -30.76 8.76
N LYS A 225 -13.70 -31.92 9.04
CA LYS A 225 -13.40 -32.75 10.22
C LYS A 225 -13.09 -34.18 9.76
N GLU A 226 -12.17 -34.85 10.43
CA GLU A 226 -11.81 -36.26 10.19
C GLU A 226 -12.13 -36.98 11.52
N ASP A 227 -13.17 -37.79 11.56
CA ASP A 227 -13.66 -38.44 12.81
C ASP A 227 -13.81 -37.40 13.93
N GLY A 228 -14.46 -36.27 13.63
CA GLY A 228 -14.76 -35.22 14.61
C GLY A 228 -13.63 -34.25 14.87
N LYS A 229 -12.45 -34.43 14.31
CA LYS A 229 -11.29 -33.54 14.59
C LYS A 229 -11.13 -32.53 13.45
N GLY A 230 -11.26 -31.23 13.74
CA GLY A 230 -11.14 -30.22 12.68
C GLY A 230 -9.74 -30.17 12.06
N LEU A 231 -9.64 -29.93 10.75
CA LEU A 231 -8.37 -29.77 10.03
C LEU A 231 -8.01 -28.28 10.08
N LYS A 232 -7.47 -27.85 11.22
CA LYS A 232 -7.27 -26.39 11.42
C LYS A 232 -6.00 -25.88 10.73
N ILE A 233 -6.01 -24.58 10.42
CA ILE A 233 -4.87 -23.82 9.85
C ILE A 233 -4.86 -22.44 10.50
N VAL A 234 -3.70 -21.79 10.48
CA VAL A 234 -3.52 -20.42 11.02
C VAL A 234 -3.45 -19.45 9.83
N ARG A 235 -4.50 -18.70 9.59
CA ARG A 235 -4.52 -17.81 8.42
C ARG A 235 -3.89 -16.44 8.79
N GLN A 236 -3.18 -15.81 7.86
CA GLN A 236 -2.56 -14.47 8.02
C GLN A 236 -2.93 -13.59 6.80
N SER A 237 -4.02 -13.95 6.14
CA SER A 237 -4.54 -13.28 4.93
C SER A 237 -4.90 -11.80 5.16
N LEU A 238 -4.68 -10.98 4.15
CA LEU A 238 -5.11 -9.58 4.25
C LEU A 238 -5.59 -9.05 2.91
N PRO A 239 -6.53 -8.10 2.92
CA PRO A 239 -6.85 -7.37 1.71
C PRO A 239 -5.62 -6.66 1.10
N TYR A 240 -5.66 -6.34 -0.20
CA TYR A 240 -4.62 -5.58 -0.89
C TYR A 240 -5.20 -4.93 -2.15
N GLY A 241 -4.47 -3.98 -2.70
CA GLY A 241 -4.81 -3.41 -4.02
C GLY A 241 -5.20 -1.96 -4.02
N THR A 242 -5.69 -1.51 -5.16
CA THR A 242 -6.16 -0.11 -5.35
C THR A 242 -7.69 -0.12 -5.53
N ALA A 243 -8.36 1.00 -5.29
CA ALA A 243 -9.83 1.05 -5.41
C ALA A 243 -10.21 0.88 -6.88
N SER A 244 -9.44 1.50 -7.77
CA SER A 244 -9.71 1.58 -9.21
C SER A 244 -9.02 0.49 -10.03
N GLY A 245 -8.05 -0.22 -9.47
CA GLY A 245 -7.29 -1.27 -10.13
C GLY A 245 -7.56 -2.65 -9.57
N THR A 246 -6.56 -3.52 -9.64
CA THR A 246 -6.67 -4.89 -9.14
C THR A 246 -6.77 -4.83 -7.60
N HIS A 247 -7.64 -5.61 -7.02
CA HIS A 247 -7.79 -5.69 -5.54
C HIS A 247 -8.39 -7.04 -5.19
N GLY A 248 -8.20 -7.45 -3.94
CA GLY A 248 -8.70 -8.75 -3.53
C GLY A 248 -8.17 -9.14 -2.17
N LEU A 249 -7.93 -10.43 -2.00
CA LEU A 249 -7.40 -10.98 -0.73
C LEU A 249 -6.06 -11.69 -1.00
N TYR A 250 -5.03 -11.35 -0.25
CA TYR A 250 -3.79 -12.14 -0.38
C TYR A 250 -3.92 -13.28 0.66
N PHE A 251 -4.22 -14.49 0.20
CA PHE A 251 -4.45 -15.60 1.13
C PHE A 251 -3.09 -16.15 1.60
N CYS A 252 -2.94 -16.34 2.90
CA CYS A 252 -1.70 -16.86 3.51
C CYS A 252 -2.07 -17.77 4.68
N ALA A 253 -1.60 -19.02 4.70
CA ALA A 253 -1.89 -19.92 5.83
C ALA A 253 -0.62 -20.71 6.24
N TYR A 254 -0.50 -20.97 7.53
CA TYR A 254 0.58 -21.75 8.18
C TYR A 254 -0.03 -23.01 8.83
N CYS A 255 0.68 -24.12 8.76
CA CYS A 255 0.14 -25.36 9.39
C CYS A 255 1.31 -26.33 9.66
N ALA A 256 1.27 -27.03 10.79
CA ALA A 256 2.27 -28.05 11.14
C ALA A 256 2.26 -29.16 10.09
N ARG A 257 1.12 -29.34 9.42
N ARG A 257 1.13 -29.30 9.40
CA ARG A 257 0.94 -30.37 8.39
CA ARG A 257 0.96 -30.35 8.37
C ARG A 257 0.41 -29.74 7.09
C ARG A 257 0.39 -29.75 7.09
N LEU A 258 1.08 -29.96 5.98
CA LEU A 258 0.60 -29.45 4.70
C LEU A 258 -0.78 -30.09 4.39
N TYR A 259 -0.95 -31.32 4.86
CA TYR A 259 -2.18 -32.11 4.66
C TYR A 259 -3.47 -31.28 4.89
N ASN A 260 -3.56 -30.57 6.02
CA ASN A 260 -4.79 -29.82 6.36
C ASN A 260 -5.14 -28.81 5.27
N ILE A 261 -4.13 -28.13 4.74
CA ILE A 261 -4.29 -27.11 3.68
C ILE A 261 -4.76 -27.81 2.40
N GLU A 262 -4.03 -28.86 2.02
CA GLU A 262 -4.32 -29.58 0.75
C GLU A 262 -5.76 -30.09 0.75
N GLN A 263 -6.21 -30.66 1.85
CA GLN A 263 -7.60 -31.18 1.92
C GLN A 263 -8.60 -30.03 1.68
N GLN A 264 -8.34 -28.84 2.20
CA GLN A 264 -9.30 -27.71 2.00
C GLN A 264 -9.28 -27.29 0.51
N LEU A 265 -8.11 -27.29 -0.12
CA LEU A 265 -7.96 -26.92 -1.55
C LEU A 265 -8.66 -27.97 -2.44
N LEU A 266 -8.44 -29.26 -2.17
CA LEU A 266 -9.14 -30.34 -2.94
C LEU A 266 -10.66 -30.15 -2.83
N SER A 267 -11.10 -29.72 -1.67
CA SER A 267 -12.54 -29.46 -1.42
C SER A 267 -13.05 -28.25 -2.21
N MET A 268 -12.39 -27.11 -2.07
CA MET A 268 -12.81 -25.85 -2.75
C MET A 268 -12.82 -25.96 -4.29
N PHE A 269 -11.88 -26.71 -4.83
CA PHE A 269 -11.63 -26.72 -6.30
C PHE A 269 -12.20 -27.94 -7.02
N GLY A 270 -13.06 -28.67 -6.34
CA GLY A 270 -13.88 -29.74 -6.94
C GLY A 270 -13.21 -31.09 -7.09
N ASP A 271 -12.02 -31.28 -6.53
CA ASP A 271 -11.33 -32.59 -6.62
C ASP A 271 -11.92 -33.63 -5.67
N THR A 272 -12.58 -33.23 -4.60
CA THR A 272 -13.11 -34.18 -3.61
C THR A 272 -14.46 -34.76 -4.00
N ASP A 273 -15.46 -33.94 -4.21
CA ASP A 273 -16.85 -34.38 -4.47
C ASP A 273 -17.42 -33.79 -5.77
N GLY A 274 -16.59 -33.16 -6.57
CA GLY A 274 -17.03 -32.59 -7.85
C GLY A 274 -17.76 -31.26 -7.72
N LYS A 275 -17.93 -30.76 -6.51
CA LYS A 275 -18.52 -29.42 -6.26
C LYS A 275 -17.36 -28.45 -5.93
N ARG A 276 -17.56 -27.17 -6.24
CA ARG A 276 -16.51 -26.15 -6.04
C ARG A 276 -17.04 -24.99 -5.16
N ASP A 277 -16.09 -24.24 -4.66
CA ASP A 277 -16.43 -23.13 -3.74
C ASP A 277 -17.30 -22.09 -4.47
N ALA A 278 -18.41 -21.67 -3.85
CA ALA A 278 -19.33 -20.64 -4.40
C ALA A 278 -18.63 -19.29 -4.53
N MET A 279 -17.50 -19.05 -3.88
CA MET A 279 -16.83 -17.71 -4.02
C MET A 279 -16.28 -17.52 -5.43
N LEU A 280 -16.07 -18.60 -6.17
CA LEU A 280 -15.55 -18.51 -7.56
C LEU A 280 -16.58 -17.78 -8.46
N ARG A 281 -17.72 -17.41 -7.88
N ARG A 281 -17.72 -17.41 -7.88
CA ARG A 281 -18.76 -16.64 -8.62
CA ARG A 281 -18.77 -16.65 -8.61
C ARG A 281 -18.34 -15.16 -8.67
C ARG A 281 -18.35 -15.16 -8.67
N PHE A 282 -17.43 -14.74 -7.79
CA PHE A 282 -17.01 -13.31 -7.87
C PHE A 282 -15.49 -13.10 -7.71
N THR A 283 -14.73 -14.11 -7.31
CA THR A 283 -13.27 -13.94 -7.13
C THR A 283 -12.50 -15.16 -7.65
N LYS A 284 -11.26 -14.94 -8.06
N LYS A 284 -11.26 -14.96 -8.05
CA LYS A 284 -10.49 -16.10 -8.56
CA LYS A 284 -10.49 -16.12 -8.52
C LYS A 284 -9.05 -16.03 -8.05
C LYS A 284 -9.05 -16.03 -8.03
N PRO A 285 -8.38 -17.19 -7.95
CA PRO A 285 -6.97 -17.23 -7.56
C PRO A 285 -6.10 -17.11 -8.83
N VAL A 286 -5.03 -16.33 -8.74
CA VAL A 286 -4.12 -16.12 -9.89
C VAL A 286 -2.68 -16.55 -9.60
N THR A 287 -2.37 -16.89 -8.35
CA THR A 287 -1.04 -17.43 -7.97
C THR A 287 -1.26 -18.58 -6.99
N GLY A 288 -0.20 -19.31 -6.70
CA GLY A 288 -0.31 -20.41 -5.74
C GLY A 288 1.07 -21.03 -5.48
N GLY A 289 1.44 -21.17 -4.20
CA GLY A 289 2.70 -21.84 -3.87
C GLY A 289 2.71 -22.43 -2.47
N TYR A 290 3.54 -23.45 -2.28
CA TYR A 290 3.82 -24.09 -0.97
C TYR A 290 5.29 -23.85 -0.59
N TYR A 291 5.56 -23.53 0.66
CA TYR A 291 6.92 -23.23 1.20
C TYR A 291 7.10 -23.89 2.57
N PHE A 292 8.35 -24.11 2.94
CA PHE A 292 8.71 -24.64 4.27
C PHE A 292 9.41 -23.50 5.06
N ALA A 293 8.86 -23.14 6.21
CA ALA A 293 9.38 -22.11 7.12
C ALA A 293 10.21 -22.84 8.18
N PRO A 294 11.56 -22.89 8.08
CA PRO A 294 12.32 -23.59 9.11
C PRO A 294 12.26 -22.83 10.44
N SER A 295 12.75 -23.46 11.52
CA SER A 295 12.92 -22.84 12.84
C SER A 295 14.03 -21.79 12.74
N LEU A 296 14.03 -20.83 13.66
CA LEU A 296 15.00 -19.70 13.71
C LEU A 296 16.44 -20.23 13.78
N GLU A 297 16.68 -21.30 14.55
CA GLU A 297 18.04 -21.85 14.75
C GLU A 297 18.52 -22.56 13.47
N ARG A 298 17.63 -23.28 12.78
N ARG A 298 17.64 -23.26 12.76
CA ARG A 298 18.05 -23.99 11.54
CA ARG A 298 18.05 -23.94 11.52
C ARG A 298 18.50 -22.95 10.50
C ARG A 298 18.51 -22.91 10.49
N ILE A 299 17.90 -21.75 10.51
N ILE A 299 17.90 -21.71 10.50
CA ILE A 299 18.32 -20.62 9.61
CA ILE A 299 18.32 -20.58 9.62
C ILE A 299 19.73 -20.17 10.04
C ILE A 299 19.73 -20.14 10.04
N GLN A 300 20.03 -20.32 11.34
CA GLN A 300 21.35 -20.03 11.92
C GLN A 300 22.28 -21.24 11.63
N ALA A 301 21.82 -22.46 11.34
CA ALA A 301 22.68 -23.58 10.94
C ALA A 301 22.85 -23.56 9.41
N LEU A 302 22.53 -22.45 8.72
CA LEU A 302 22.68 -22.34 7.26
C LEU A 302 24.10 -21.82 7.03
N GLY A 303 24.94 -22.67 6.56
CA GLY A 303 26.34 -22.35 6.26
C GLY A 303 26.92 -23.59 5.68
N GLN B 6 -15.84 26.40 5.24
CA GLN B 6 -15.77 26.92 3.85
C GLN B 6 -14.71 26.20 3.02
N VAL B 7 -13.52 25.92 3.59
N VAL B 7 -13.52 25.93 3.58
CA VAL B 7 -12.43 25.25 2.82
CA VAL B 7 -12.43 25.25 2.82
C VAL B 7 -12.69 23.73 2.74
C VAL B 7 -12.72 23.75 2.72
N GLN B 8 -12.24 23.11 1.66
CA GLN B 8 -12.42 21.63 1.55
C GLN B 8 -11.56 20.99 2.68
N SER B 9 -12.02 19.91 3.29
CA SER B 9 -11.41 19.29 4.49
C SER B 9 -9.98 18.74 4.31
N GLY B 10 -9.52 18.49 3.10
CA GLY B 10 -8.21 17.81 2.92
C GLY B 10 -7.00 18.73 2.79
N ILE B 11 -7.21 20.03 2.78
CA ILE B 11 -6.10 20.97 2.57
C ILE B 11 -5.31 21.20 3.86
N LEU B 12 -5.97 21.51 4.96
CA LEU B 12 -5.28 22.00 6.18
C LEU B 12 -4.79 20.92 7.16
N PRO B 13 -5.31 19.68 7.26
CA PRO B 13 -4.78 18.74 8.24
C PRO B 13 -3.27 18.54 8.08
N GLU B 14 -2.57 18.45 9.22
CA GLU B 14 -1.12 18.21 9.29
C GLU B 14 -0.84 16.77 9.72
N HIS B 15 0.34 16.30 9.36
CA HIS B 15 0.87 15.01 9.85
C HIS B 15 -0.01 13.82 9.50
N CYS B 16 -0.64 13.80 8.33
CA CYS B 16 -1.45 12.62 7.92
C CYS B 16 -0.51 11.41 7.84
N ARG B 17 -1.03 10.21 8.11
CA ARG B 17 -0.20 8.97 8.05
C ARG B 17 -0.28 8.27 6.70
N ALA B 18 -1.35 8.53 5.98
CA ALA B 18 -1.60 7.91 4.68
C ALA B 18 -2.52 8.78 3.82
N ALA B 19 -2.42 8.58 2.52
CA ALA B 19 -3.27 9.32 1.57
C ALA B 19 -3.49 8.48 0.31
N ILE B 20 -4.53 8.88 -0.42
CA ILE B 20 -4.83 8.28 -1.74
C ILE B 20 -5.04 9.44 -2.72
N TRP B 21 -4.36 9.40 -3.85
CA TRP B 21 -4.56 10.41 -4.89
C TRP B 21 -5.14 9.67 -6.12
N ILE B 22 -6.22 10.18 -6.68
CA ILE B 22 -6.80 9.63 -7.93
C ILE B 22 -6.80 10.77 -8.98
N GLU B 23 -6.18 10.55 -10.12
CA GLU B 23 -6.16 11.52 -11.24
C GLU B 23 -6.99 10.89 -12.39
N ALA B 24 -7.93 11.65 -12.94
CA ALA B 24 -8.84 11.12 -13.96
C ALA B 24 -9.22 12.14 -15.04
N ASN B 25 -9.64 11.61 -16.18
CA ASN B 25 -10.17 12.41 -17.28
C ASN B 25 -11.70 12.29 -17.29
N LEU B 26 -12.34 13.30 -17.85
CA LEU B 26 -13.80 13.26 -17.97
C LEU B 26 -14.13 12.57 -19.30
N LYS B 27 -14.93 11.52 -19.26
CA LYS B 27 -15.40 10.80 -20.47
C LYS B 27 -16.79 11.29 -20.88
N GLY B 28 -17.65 11.56 -19.90
CA GLY B 28 -19.05 11.96 -20.09
C GLY B 28 -19.18 13.47 -20.22
N ASP B 29 -20.33 13.99 -19.90
CA ASP B 29 -20.57 15.44 -19.99
C ASP B 29 -20.10 16.06 -18.67
N VAL B 30 -19.57 17.29 -18.71
CA VAL B 30 -19.04 17.99 -17.50
C VAL B 30 -20.16 18.15 -16.44
N ASN B 31 -21.40 18.32 -16.84
CA ASN B 31 -22.53 18.37 -15.90
C ASN B 31 -22.53 17.13 -14.99
N ALA B 32 -21.99 15.97 -15.39
CA ALA B 32 -21.95 14.78 -14.51
C ALA B 32 -21.04 15.05 -13.28
N LEU B 33 -20.05 15.93 -13.38
CA LEU B 33 -19.12 16.21 -12.25
C LEU B 33 -19.84 17.00 -11.15
N ARG B 34 -20.89 17.72 -11.49
CA ARG B 34 -21.64 18.57 -10.53
C ARG B 34 -22.34 17.71 -9.47
N GLU B 35 -23.19 16.78 -9.88
CA GLU B 35 -23.86 15.93 -8.88
C GLU B 35 -22.83 15.04 -8.14
N ALA B 36 -21.92 14.44 -8.87
CA ALA B 36 -20.86 13.56 -8.34
C ALA B 36 -20.11 14.28 -7.20
N SER B 37 -19.70 15.52 -7.41
CA SER B 37 -18.94 16.29 -6.42
C SER B 37 -19.76 16.48 -5.13
N LYS B 38 -21.03 16.83 -5.26
CA LYS B 38 -21.85 17.02 -4.06
C LYS B 38 -22.00 15.70 -3.28
N ILE B 39 -22.22 14.60 -3.98
CA ILE B 39 -22.40 13.26 -3.35
C ILE B 39 -21.16 12.97 -2.50
N PHE B 40 -20.00 13.12 -3.12
CA PHE B 40 -18.70 12.80 -2.50
C PHE B 40 -18.45 13.66 -1.26
N VAL B 41 -18.65 14.97 -1.36
CA VAL B 41 -18.33 15.80 -0.17
C VAL B 41 -19.25 15.38 0.98
N ASP B 42 -20.49 14.99 0.71
CA ASP B 42 -21.40 14.47 1.76
C ASP B 42 -20.84 13.14 2.30
N ASN B 43 -20.34 12.27 1.42
CA ASN B 43 -19.71 10.98 1.83
C ASN B 43 -18.56 11.26 2.83
N VAL B 44 -17.72 12.25 2.53
CA VAL B 44 -16.56 12.58 3.40
C VAL B 44 -17.08 12.98 4.79
N ALA B 45 -18.10 13.80 4.82
CA ALA B 45 -18.73 14.25 6.07
C ALA B 45 -19.22 13.00 6.84
N THR B 46 -19.85 12.04 6.16
CA THR B 46 -20.33 10.80 6.82
C THR B 46 -19.13 10.00 7.35
N PHE B 47 -18.08 9.84 6.56
CA PHE B 47 -16.91 9.09 7.05
C PHE B 47 -16.28 9.82 8.23
N GLN B 48 -16.22 11.14 8.24
CA GLN B 48 -15.57 11.83 9.38
C GLN B 48 -16.37 11.53 10.67
N ALA B 49 -17.68 11.51 10.57
CA ALA B 49 -18.60 11.25 11.69
C ALA B 49 -18.41 9.83 12.23
N LYS B 50 -18.14 8.88 11.34
CA LYS B 50 -17.97 7.44 11.66
C LYS B 50 -16.56 7.14 12.17
N PHE B 51 -15.55 7.85 11.71
CA PHE B 51 -14.13 7.66 12.08
C PHE B 51 -13.55 8.98 12.57
N PRO B 52 -14.02 9.53 13.71
CA PRO B 52 -13.55 10.85 14.14
C PRO B 52 -12.06 10.85 14.49
N ASP B 53 -11.52 9.70 14.88
CA ASP B 53 -10.11 9.45 15.25
C ASP B 53 -9.18 9.47 14.04
N ALA B 54 -9.74 9.27 12.84
CA ALA B 54 -8.97 9.22 11.59
C ALA B 54 -8.46 10.60 11.18
N LYS B 55 -9.13 11.65 11.64
CA LYS B 55 -8.82 13.05 11.25
C LYS B 55 -8.79 13.07 9.72
N LEU B 56 -9.87 12.60 9.12
CA LEU B 56 -10.02 12.43 7.64
C LEU B 56 -10.33 13.75 6.94
N GLY B 57 -9.71 13.96 5.80
CA GLY B 57 -9.98 15.12 4.95
C GLY B 57 -9.93 14.69 3.49
N ALA B 58 -10.58 15.41 2.60
CA ALA B 58 -10.48 15.09 1.17
C ALA B 58 -10.68 16.35 0.34
N VAL B 59 -10.17 16.34 -0.87
CA VAL B 59 -10.30 17.48 -1.80
C VAL B 59 -10.69 16.97 -3.19
N VAL B 60 -11.61 17.67 -3.82
N VAL B 60 -11.63 17.66 -3.84
CA VAL B 60 -11.97 17.43 -5.25
CA VAL B 60 -11.95 17.40 -5.26
C VAL B 60 -11.52 18.68 -6.01
C VAL B 60 -11.51 18.66 -6.01
N ALA B 61 -10.63 18.49 -6.98
CA ALA B 61 -10.12 19.66 -7.74
C ALA B 61 -10.24 19.38 -9.24
N PHE B 62 -10.27 20.43 -10.01
CA PHE B 62 -10.55 20.37 -11.45
C PHE B 62 -9.47 21.01 -12.31
N GLY B 63 -9.23 20.43 -13.46
CA GLY B 63 -8.30 20.97 -14.45
C GLY B 63 -8.87 22.21 -15.11
N ASN B 64 -8.04 22.91 -15.83
CA ASN B 64 -8.40 24.21 -16.42
C ASN B 64 -9.66 24.10 -17.31
N ASN B 65 -9.63 23.25 -18.32
CA ASN B 65 -10.75 23.19 -19.30
C ASN B 65 -12.08 22.86 -18.61
N VAL B 66 -12.17 21.83 -17.77
CA VAL B 66 -13.46 21.52 -17.08
C VAL B 66 -13.74 22.62 -16.05
N TRP B 67 -12.76 23.15 -15.33
CA TRP B 67 -13.09 24.23 -14.36
C TRP B 67 -13.64 25.47 -15.09
N ARG B 68 -13.12 25.81 -16.26
CA ARG B 68 -13.62 27.02 -16.97
C ARG B 68 -15.12 26.79 -17.28
N GLN B 69 -15.47 25.59 -17.70
CA GLN B 69 -16.86 25.22 -18.04
C GLN B 69 -17.72 25.33 -16.80
N LEU B 70 -17.31 24.69 -15.70
CA LEU B 70 -18.07 24.64 -14.43
C LEU B 70 -18.27 26.02 -13.82
N SER B 71 -17.30 26.92 -13.99
CA SER B 71 -17.31 28.26 -13.38
C SER B 71 -17.89 29.30 -14.34
N GLY B 72 -18.05 28.98 -15.61
CA GLY B 72 -18.53 29.92 -16.64
C GLY B 72 -17.52 31.02 -16.90
N GLY B 73 -16.24 30.73 -16.72
CA GLY B 73 -15.11 31.64 -16.97
C GLY B 73 -14.83 32.60 -15.83
N GLU B 74 -15.61 32.58 -14.76
CA GLU B 74 -15.45 33.48 -13.62
C GLU B 74 -14.35 33.01 -12.63
N GLY B 75 -13.42 33.88 -12.28
CA GLY B 75 -12.36 33.61 -11.29
C GLY B 75 -11.32 32.61 -11.75
N ALA B 76 -10.55 32.13 -10.80
CA ALA B 76 -9.41 31.19 -10.96
C ALA B 76 -8.53 31.73 -12.09
N ASP B 77 -8.17 33.01 -12.02
CA ASP B 77 -7.44 33.70 -13.12
C ASP B 77 -6.08 33.08 -13.40
N GLU B 78 -5.45 32.43 -12.43
CA GLU B 78 -4.10 31.87 -12.67
C GLU B 78 -4.18 30.46 -13.24
N LEU B 79 -5.35 29.83 -13.18
CA LEU B 79 -5.44 28.43 -13.61
C LEU B 79 -5.04 28.32 -15.09
N LYS B 80 -4.28 27.30 -15.41
CA LYS B 80 -3.90 26.95 -16.79
C LYS B 80 -3.52 25.47 -16.81
N ASP B 81 -3.44 24.88 -17.98
CA ASP B 81 -2.95 23.49 -18.09
C ASP B 81 -1.51 23.48 -17.61
N PHE B 82 -1.09 22.43 -16.93
CA PHE B 82 0.32 22.32 -16.50
C PHE B 82 1.24 22.30 -17.73
N PRO B 83 2.18 23.23 -17.88
CA PRO B 83 3.09 23.11 -19.01
C PRO B 83 4.27 22.22 -18.66
N VAL B 84 5.08 21.85 -19.65
CA VAL B 84 6.37 21.19 -19.37
C VAL B 84 7.29 22.30 -18.83
N TYR B 85 8.20 21.95 -17.93
CA TYR B 85 9.22 22.88 -17.40
C TYR B 85 10.58 22.33 -17.81
N GLY B 86 11.57 23.21 -17.93
CA GLY B 86 12.92 22.80 -18.35
C GLY B 86 12.87 22.22 -19.76
N LYS B 87 11.90 22.66 -20.57
CA LYS B 87 11.68 22.26 -21.99
C LYS B 87 11.38 20.75 -22.08
N GLY B 88 10.93 20.12 -21.02
CA GLY B 88 10.62 18.68 -21.05
C GLY B 88 11.28 17.87 -19.93
N LEU B 89 12.20 18.47 -19.18
CA LEU B 89 12.81 17.83 -17.97
C LEU B 89 11.67 17.43 -17.04
N ALA B 90 10.68 18.30 -16.90
CA ALA B 90 9.46 18.06 -16.12
C ALA B 90 8.32 17.80 -17.11
N PRO B 91 7.83 16.55 -17.23
CA PRO B 91 6.77 16.25 -18.17
C PRO B 91 5.42 16.79 -17.70
N SER B 92 4.48 16.85 -18.63
CA SER B 92 3.11 17.31 -18.42
C SER B 92 2.12 16.16 -18.66
N THR B 93 1.26 15.87 -17.69
CA THR B 93 0.19 14.84 -17.76
C THR B 93 -1.05 15.52 -17.15
N GLN B 94 -1.53 16.58 -17.78
CA GLN B 94 -2.69 17.33 -17.25
C GLN B 94 -3.97 16.51 -17.45
N TYR B 95 -4.72 16.24 -16.39
CA TYR B 95 -6.02 15.55 -16.44
C TYR B 95 -7.13 16.53 -16.00
N ASP B 96 -8.36 16.06 -15.93
CA ASP B 96 -9.55 16.90 -15.64
C ASP B 96 -9.94 16.94 -14.16
N LEU B 97 -9.66 15.85 -13.46
CA LEU B 97 -10.14 15.70 -12.07
C LEU B 97 -9.03 15.14 -11.17
N LEU B 98 -8.92 15.71 -9.97
CA LEU B 98 -8.01 15.23 -8.93
C LEU B 98 -8.85 14.96 -7.67
N ILE B 99 -8.68 13.80 -7.05
CA ILE B 99 -9.30 13.46 -5.76
C ILE B 99 -8.14 13.16 -4.78
N HIS B 100 -8.08 13.89 -3.68
CA HIS B 100 -7.02 13.78 -2.67
C HIS B 100 -7.72 13.37 -1.36
N ILE B 101 -7.41 12.19 -0.85
CA ILE B 101 -7.93 11.67 0.43
C ILE B 101 -6.73 11.50 1.41
N LEU B 102 -6.82 12.05 2.62
CA LEU B 102 -5.71 11.85 3.58
C LEU B 102 -6.31 11.67 4.97
N SER B 103 -5.61 10.93 5.83
CA SER B 103 -6.06 10.68 7.21
C SER B 103 -4.98 9.90 7.97
N ALA B 104 -5.31 9.51 9.19
CA ALA B 104 -4.40 8.72 10.04
C ALA B 104 -4.52 7.21 9.73
N ARG B 105 -5.55 6.83 8.98
CA ARG B 105 -5.89 5.40 8.75
C ARG B 105 -6.08 5.06 7.25
N HIS B 106 -5.19 4.28 6.69
CA HIS B 106 -5.26 3.88 5.27
C HIS B 106 -6.58 3.14 4.99
N GLU B 107 -7.05 2.29 5.91
CA GLU B 107 -8.30 1.49 5.71
C GLU B 107 -9.50 2.40 5.51
N VAL B 108 -9.55 3.54 6.22
CA VAL B 108 -10.62 4.54 6.04
C VAL B 108 -10.45 5.22 4.67
N ASN B 109 -9.20 5.59 4.29
CA ASN B 109 -8.93 6.23 2.99
C ASN B 109 -9.44 5.30 1.87
N PHE B 110 -9.21 4.00 2.00
CA PHE B 110 -9.64 3.04 0.95
C PHE B 110 -11.17 3.08 0.78
N SER B 111 -11.92 3.06 1.88
CA SER B 111 -13.40 3.11 1.83
C SER B 111 -13.85 4.43 1.17
N VAL B 112 -13.18 5.52 1.50
CA VAL B 112 -13.51 6.86 0.94
C VAL B 112 -13.21 6.89 -0.57
N ALA B 113 -12.11 6.28 -0.99
CA ALA B 113 -11.73 6.22 -2.41
C ALA B 113 -12.84 5.43 -3.13
N GLN B 114 -13.31 4.35 -2.50
CA GLN B 114 -14.38 3.52 -3.14
C GLN B 114 -15.62 4.40 -3.33
N ALA B 115 -15.94 5.19 -2.30
CA ALA B 115 -17.08 6.14 -2.32
C ALA B 115 -16.90 7.15 -3.47
N ALA B 116 -15.69 7.65 -3.64
CA ALA B 116 -15.40 8.61 -4.71
C ALA B 116 -15.74 7.96 -6.05
N LEU B 117 -15.26 6.75 -6.26
CA LEU B 117 -15.45 6.06 -7.56
C LEU B 117 -16.95 5.78 -7.78
N ALA B 118 -17.67 5.42 -6.75
CA ALA B 118 -19.13 5.17 -6.88
C ALA B 118 -19.84 6.48 -7.27
N ALA B 119 -19.43 7.58 -6.66
CA ALA B 119 -20.08 8.88 -6.92
C ALA B 119 -19.85 9.31 -8.37
N PHE B 120 -18.61 9.29 -8.87
CA PHE B 120 -18.33 9.76 -10.26
C PHE B 120 -18.74 8.70 -11.27
N GLY B 121 -18.66 7.44 -10.89
CA GLY B 121 -19.06 6.31 -11.74
C GLY B 121 -18.33 6.29 -13.08
N ASP B 122 -19.03 5.95 -14.17
CA ASP B 122 -18.36 5.79 -15.50
C ASP B 122 -18.24 7.14 -16.24
N ALA B 123 -18.47 8.25 -15.57
CA ALA B 123 -18.25 9.61 -16.13
C ALA B 123 -16.74 9.91 -16.23
N ILE B 124 -15.92 9.22 -15.44
CA ILE B 124 -14.45 9.48 -15.44
C ILE B 124 -13.65 8.25 -15.85
N ASP B 125 -12.42 8.49 -16.31
CA ASP B 125 -11.43 7.46 -16.70
C ASP B 125 -10.23 7.62 -15.75
N VAL B 126 -10.07 6.71 -14.78
CA VAL B 126 -8.96 6.86 -13.80
C VAL B 126 -7.63 6.66 -14.53
N LYS B 127 -6.79 7.67 -14.54
CA LYS B 127 -5.47 7.62 -15.19
C LYS B 127 -4.39 7.20 -14.19
N GLU B 128 -4.53 7.58 -12.92
CA GLU B 128 -3.52 7.31 -11.87
C GLU B 128 -4.17 7.10 -10.50
N GLU B 129 -3.71 6.13 -9.74
CA GLU B 129 -4.20 5.94 -8.35
C GLU B 129 -2.97 5.60 -7.49
N ILE B 130 -2.57 6.50 -6.61
CA ILE B 130 -1.33 6.34 -5.81
C ILE B 130 -1.64 6.32 -4.30
N HIS B 131 -1.13 5.32 -3.60
CA HIS B 131 -1.31 5.14 -2.15
C HIS B 131 -0.08 5.66 -1.41
N GLY B 132 -0.19 6.81 -0.76
CA GLY B 132 0.97 7.37 -0.06
C GLY B 132 1.01 6.90 1.40
N PHE B 133 2.21 6.72 1.94
CA PHE B 133 2.38 6.36 3.36
C PHE B 133 3.50 7.23 3.98
N ARG B 134 3.31 7.61 5.23
CA ARG B 134 4.36 8.33 5.99
C ARG B 134 5.42 7.26 6.34
N TRP B 135 6.70 7.49 6.08
CA TRP B 135 7.77 6.55 6.41
C TRP B 135 8.35 6.91 7.81
N VAL B 136 9.33 6.12 8.22
CA VAL B 136 9.96 6.27 9.54
C VAL B 136 10.50 7.69 9.70
N GLU B 137 10.16 8.34 10.81
CA GLU B 137 10.66 9.69 11.16
C GLU B 137 10.21 10.75 10.15
N GLU B 138 9.15 10.48 9.41
CA GLU B 138 8.57 11.40 8.40
C GLU B 138 9.61 11.67 7.30
N ARG B 139 10.45 10.68 7.04
CA ARG B 139 11.50 10.85 6.05
C ARG B 139 11.00 10.45 4.63
N ASP B 140 11.54 11.13 3.64
CA ASP B 140 11.43 10.73 2.22
C ASP B 140 12.19 9.39 2.12
N LEU B 141 11.96 8.56 1.10
CA LEU B 141 12.67 7.27 0.91
C LEU B 141 14.19 7.48 0.71
N SER B 142 14.66 8.66 0.29
CA SER B 142 16.10 8.98 0.24
C SER B 142 16.74 8.94 1.65
N GLY B 143 15.93 9.08 2.70
CA GLY B 143 16.41 9.08 4.09
C GLY B 143 16.50 10.48 4.70
N PHE B 144 16.05 11.49 3.97
CA PHE B 144 16.04 12.90 4.42
C PHE B 144 14.63 13.22 4.92
N VAL B 145 14.55 13.90 6.05
CA VAL B 145 13.23 14.27 6.62
C VAL B 145 12.51 15.18 5.62
N ASP B 146 11.22 14.96 5.36
CA ASP B 146 10.45 15.82 4.42
C ASP B 146 9.31 16.51 5.20
N GLY B 147 9.33 17.85 5.31
CA GLY B 147 8.25 18.64 5.92
C GLY B 147 8.68 19.67 6.94
N THR B 148 9.97 19.74 7.30
CA THR B 148 10.41 20.63 8.39
C THR B 148 9.97 22.10 8.20
N GLU B 149 10.12 22.65 7.02
CA GLU B 149 9.83 24.09 6.80
C GLU B 149 8.41 24.29 6.25
N ASN B 150 7.60 23.24 6.21
CA ASN B 150 6.18 23.32 5.79
C ASN B 150 5.46 24.23 6.78
N PRO B 151 4.60 25.13 6.31
CA PRO B 151 3.81 25.94 7.22
C PRO B 151 3.16 25.07 8.31
N ALA B 152 3.21 25.55 9.55
CA ALA B 152 2.71 24.80 10.71
C ALA B 152 1.54 25.52 11.38
N GLY B 153 0.51 24.78 11.78
CA GLY B 153 -0.69 25.33 12.41
C GLY B 153 -1.72 25.78 11.38
N GLU B 154 -3.01 25.73 11.75
CA GLU B 154 -4.12 26.09 10.84
C GLU B 154 -4.03 27.56 10.39
N GLU B 155 -3.67 28.48 11.29
CA GLU B 155 -3.63 29.93 10.98
C GLU B 155 -2.64 30.18 9.83
N THR B 156 -1.39 29.77 9.96
CA THR B 156 -0.38 30.00 8.89
C THR B 156 -0.74 29.19 7.63
N ARG B 157 -1.24 27.98 7.80
CA ARG B 157 -1.56 27.12 6.63
C ARG B 157 -2.68 27.79 5.81
N ARG B 158 -3.67 28.37 6.47
CA ARG B 158 -4.74 29.12 5.78
C ARG B 158 -4.13 30.31 5.04
N GLU B 159 -3.27 31.04 5.72
CA GLU B 159 -2.63 32.23 5.12
C GLU B 159 -1.94 31.82 3.79
N VAL B 160 -1.24 30.71 3.79
CA VAL B 160 -0.46 30.27 2.62
C VAL B 160 -1.29 29.63 1.50
N ALA B 161 -2.24 28.79 1.89
CA ALA B 161 -2.99 27.93 0.94
C ALA B 161 -4.39 28.40 0.54
N VAL B 162 -5.05 29.19 1.36
CA VAL B 162 -6.52 29.44 1.13
C VAL B 162 -6.79 30.83 0.56
N ILE B 163 -7.49 30.93 -0.56
CA ILE B 163 -7.78 32.25 -1.18
C ILE B 163 -8.60 33.09 -0.21
N LYS B 164 -8.26 34.35 0.00
CA LYS B 164 -8.86 35.20 1.06
C LYS B 164 -10.24 35.80 0.74
N ASP B 165 -10.46 36.22 -0.48
CA ASP B 165 -11.77 36.88 -0.75
C ASP B 165 -12.11 36.81 -2.24
N GLY B 166 -13.23 37.43 -2.61
CA GLY B 166 -13.74 37.36 -4.00
C GLY B 166 -14.45 36.04 -4.26
N VAL B 167 -14.70 35.76 -5.54
CA VAL B 167 -15.47 34.58 -6.03
C VAL B 167 -14.80 33.28 -5.57
N ASP B 168 -13.47 33.24 -5.52
CA ASP B 168 -12.69 32.03 -5.18
C ASP B 168 -12.42 31.89 -3.68
N ALA B 169 -12.92 32.78 -2.82
CA ALA B 169 -12.68 32.73 -1.35
C ALA B 169 -12.85 31.30 -0.83
N GLY B 170 -11.88 30.76 -0.09
CA GLY B 170 -11.96 29.40 0.47
C GLY B 170 -11.36 28.35 -0.45
N GLY B 171 -11.02 28.73 -1.67
CA GLY B 171 -10.46 27.84 -2.67
C GLY B 171 -8.94 27.81 -2.60
N SER B 172 -8.32 26.96 -3.41
CA SER B 172 -6.87 26.79 -3.40
C SER B 172 -6.41 26.20 -4.72
N TYR B 173 -5.18 26.51 -5.10
CA TYR B 173 -4.58 25.93 -6.32
C TYR B 173 -3.82 24.67 -5.90
N VAL B 174 -3.88 23.61 -6.69
CA VAL B 174 -3.21 22.34 -6.33
C VAL B 174 -2.24 21.91 -7.42
N PHE B 175 -1.10 21.37 -7.04
CA PHE B 175 -0.08 20.88 -7.98
C PHE B 175 0.30 19.45 -7.59
N VAL B 176 0.28 18.51 -8.52
CA VAL B 176 0.63 17.11 -8.19
C VAL B 176 1.67 16.62 -9.20
N GLN B 177 2.67 15.90 -8.72
CA GLN B 177 3.80 15.44 -9.56
C GLN B 177 4.38 14.19 -8.91
N ARG B 178 4.33 13.05 -9.61
CA ARG B 178 4.88 11.78 -9.07
C ARG B 178 6.36 11.69 -9.46
N TRP B 179 7.22 11.44 -8.49
CA TRP B 179 8.67 11.26 -8.69
C TRP B 179 9.05 9.77 -8.55
N GLU B 180 9.96 9.29 -9.39
CA GLU B 180 10.48 7.90 -9.30
C GLU B 180 11.93 7.96 -8.81
N HIS B 181 12.22 7.41 -7.62
CA HIS B 181 13.57 7.47 -7.03
C HIS B 181 14.43 6.30 -7.53
N ASN B 182 15.69 6.56 -7.79
CA ASN B 182 16.66 5.50 -8.11
C ASN B 182 17.57 5.46 -6.88
N LEU B 183 17.22 4.66 -5.87
CA LEU B 183 17.96 4.59 -4.59
C LEU B 183 19.37 3.98 -4.77
N LYS B 184 19.54 3.18 -5.80
CA LYS B 184 20.87 2.60 -6.10
C LYS B 184 21.80 3.77 -6.45
N GLN B 185 21.30 4.69 -7.24
CA GLN B 185 22.11 5.84 -7.67
C GLN B 185 22.34 6.75 -6.45
N LEU B 186 21.31 6.94 -5.63
CA LEU B 186 21.45 7.74 -4.39
C LEU B 186 22.55 7.14 -3.50
N ASN B 187 22.52 5.82 -3.33
CA ASN B 187 23.40 5.02 -2.42
C ASN B 187 24.87 5.08 -2.89
N ARG B 188 25.11 5.39 -4.14
CA ARG B 188 26.46 5.54 -4.75
C ARG B 188 27.10 6.87 -4.28
N MET B 189 26.31 7.75 -3.74
CA MET B 189 26.77 9.07 -3.31
C MET B 189 27.19 8.99 -1.84
N SER B 190 28.25 9.69 -1.49
CA SER B 190 28.67 9.83 -0.08
C SER B 190 27.60 10.65 0.65
N VAL B 191 27.44 10.46 1.95
CA VAL B 191 26.41 11.18 2.74
C VAL B 191 26.68 12.70 2.67
N PRO B 192 27.91 13.19 2.83
CA PRO B 192 28.16 14.61 2.63
C PRO B 192 27.71 15.15 1.26
N ASP B 193 27.90 14.37 0.19
CA ASP B 193 27.49 14.77 -1.17
C ASP B 193 25.96 14.76 -1.23
N GLN B 194 25.29 13.80 -0.60
CA GLN B 194 23.81 13.82 -0.58
C GLN B 194 23.32 15.08 0.15
N GLU B 195 23.99 15.42 1.26
CA GLU B 195 23.66 16.57 2.12
C GLU B 195 23.80 17.87 1.31
N MET B 196 24.82 17.98 0.47
CA MET B 196 25.03 19.21 -0.34
C MET B 196 23.99 19.24 -1.48
N MET B 197 23.46 18.08 -1.84
CA MET B 197 22.42 17.94 -2.88
C MET B 197 21.08 18.48 -2.39
N ILE B 198 20.72 18.16 -1.15
CA ILE B 198 19.45 18.58 -0.52
C ILE B 198 19.57 19.98 0.08
N GLY B 199 20.65 20.24 0.80
CA GLY B 199 20.86 21.52 1.53
C GLY B 199 20.58 21.41 3.01
N ARG B 200 20.47 20.19 3.52
CA ARG B 200 20.29 19.91 4.96
C ARG B 200 21.10 18.64 5.31
N THR B 201 21.52 18.49 6.56
CA THR B 201 22.25 17.28 6.99
C THR B 201 21.25 16.10 7.01
N LYS B 202 21.75 14.89 6.82
CA LYS B 202 20.87 13.71 6.64
C LYS B 202 20.28 13.26 7.97
N ASP B 203 21.12 12.73 8.84
CA ASP B 203 20.66 12.23 10.15
C ASP B 203 20.03 13.34 11.01
N ALA B 204 20.72 14.44 11.27
CA ALA B 204 20.30 15.54 12.16
C ALA B 204 19.26 16.50 11.56
N ASN B 205 19.16 16.56 10.24
CA ASN B 205 18.16 17.40 9.56
C ASN B 205 18.34 18.87 9.97
N GLU B 206 19.57 19.35 9.86
CA GLU B 206 19.97 20.73 10.14
C GLU B 206 20.18 21.44 8.78
N GLU B 207 19.72 22.68 8.68
CA GLU B 207 19.88 23.43 7.42
C GLU B 207 21.37 23.67 7.19
N ILE B 208 21.84 23.51 5.97
CA ILE B 208 23.21 23.92 5.63
C ILE B 208 23.13 25.39 5.20
N ASP B 209 23.99 26.24 5.72
CA ASP B 209 23.96 27.69 5.43
C ASP B 209 23.82 27.90 3.91
N GLY B 210 22.93 28.78 3.47
CA GLY B 210 22.75 29.10 2.04
C GLY B 210 24.04 29.60 1.38
N ASP B 211 24.89 30.28 2.14
CA ASP B 211 26.19 30.80 1.66
C ASP B 211 27.17 29.64 1.48
N GLU B 212 26.93 28.48 2.06
CA GLU B 212 27.89 27.35 2.06
C GLU B 212 27.42 26.13 1.26
N ARG B 213 26.23 26.17 0.68
CA ARG B 213 25.74 25.03 -0.12
C ARG B 213 25.64 25.45 -1.61
N PRO B 214 25.71 24.50 -2.55
CA PRO B 214 25.62 24.80 -3.95
C PRO B 214 24.26 25.46 -4.25
N VAL B 215 24.25 26.32 -5.27
CA VAL B 215 23.00 27.00 -5.72
C VAL B 215 22.05 25.96 -6.33
N THR B 216 22.59 24.84 -6.76
CA THR B 216 21.80 23.70 -7.33
C THR B 216 21.22 22.83 -6.22
N SER B 217 21.56 23.08 -4.95
CA SER B 217 20.98 22.33 -3.80
C SER B 217 19.45 22.51 -3.82
N HIS B 218 18.70 21.50 -3.40
CA HIS B 218 17.22 21.58 -3.42
C HIS B 218 16.75 22.84 -2.67
N LEU B 219 17.23 23.08 -1.46
CA LEU B 219 16.79 24.27 -0.68
C LEU B 219 17.11 25.55 -1.46
N SER B 220 18.27 25.63 -2.10
CA SER B 220 18.65 26.86 -2.86
C SER B 220 17.71 27.06 -4.06
N ARG B 221 17.17 25.96 -4.60
CA ARG B 221 16.24 25.99 -5.77
C ARG B 221 14.82 26.40 -5.33
N VAL B 222 14.35 25.99 -4.14
CA VAL B 222 12.91 26.19 -3.77
C VAL B 222 12.65 27.15 -2.59
N ASP B 223 13.67 27.50 -1.81
CA ASP B 223 13.50 28.49 -0.71
C ASP B 223 13.70 29.87 -1.34
N LEU B 224 12.67 30.40 -1.99
CA LEU B 224 12.73 31.67 -2.76
C LEU B 224 12.03 32.81 -2.03
N LYS B 225 12.57 34.00 -2.21
CA LYS B 225 12.01 35.20 -1.58
C LYS B 225 11.86 36.27 -2.65
N GLU B 226 10.87 37.12 -2.48
CA GLU B 226 10.70 38.27 -3.37
C GLU B 226 10.70 39.51 -2.45
N ASP B 227 11.76 40.30 -2.51
CA ASP B 227 12.07 41.45 -1.62
C ASP B 227 11.86 40.99 -0.15
N GLY B 228 12.42 39.83 0.18
CA GLY B 228 12.38 39.33 1.57
C GLY B 228 11.12 38.57 1.95
N LYS B 229 10.06 38.54 1.15
CA LYS B 229 8.80 37.81 1.44
C LYS B 229 8.93 36.39 0.84
N GLY B 230 8.85 35.35 1.66
CA GLY B 230 9.01 33.99 1.15
C GLY B 230 7.85 33.53 0.27
N LEU B 231 8.14 32.81 -0.81
CA LEU B 231 7.09 32.26 -1.68
C LEU B 231 6.71 30.89 -1.08
N LYS B 232 5.83 30.89 -0.09
CA LYS B 232 5.53 29.66 0.65
C LYS B 232 4.41 28.81 -0.02
N ILE B 233 4.42 27.52 0.25
CA ILE B 233 3.41 26.54 -0.21
C ILE B 233 3.12 25.57 0.94
N VAL B 234 1.97 24.91 0.86
CA VAL B 234 1.57 23.87 1.84
C VAL B 234 1.72 22.51 1.14
N ARG B 235 2.71 21.72 1.53
CA ARG B 235 2.98 20.44 0.91
C ARG B 235 2.21 19.35 1.66
N GLN B 236 1.69 18.36 0.94
CA GLN B 236 1.01 17.16 1.49
C GLN B 236 1.64 15.88 0.88
N SER B 237 2.88 16.00 0.41
CA SER B 237 3.60 14.90 -0.25
C SER B 237 3.78 13.69 0.68
N LEU B 238 3.80 12.51 0.09
CA LEU B 238 4.13 11.29 0.83
C LEU B 238 4.96 10.35 -0.03
N PRO B 239 5.80 9.52 0.60
CA PRO B 239 6.41 8.38 -0.09
C PRO B 239 5.34 7.44 -0.69
N TYR B 240 5.73 6.63 -1.66
CA TYR B 240 4.85 5.58 -2.21
C TYR B 240 5.67 4.48 -2.90
N GLY B 241 4.97 3.36 -3.16
CA GLY B 241 5.50 2.25 -3.98
C GLY B 241 5.84 0.95 -3.26
N THR B 242 6.51 0.09 -4.01
CA THR B 242 6.98 -1.20 -3.47
C THR B 242 8.51 -1.11 -3.34
N ALA B 243 9.09 -1.95 -2.49
CA ALA B 243 10.55 -1.99 -2.27
C ALA B 243 11.25 -2.54 -3.51
N SER B 244 10.62 -3.48 -4.18
CA SER B 244 11.19 -4.18 -5.35
C SER B 244 10.81 -3.57 -6.71
N GLY B 245 9.81 -2.70 -6.75
CA GLY B 245 9.32 -2.07 -7.98
C GLY B 245 9.50 -0.57 -7.96
N THR B 246 8.57 0.16 -8.55
CA THR B 246 8.69 1.62 -8.61
C THR B 246 8.41 2.19 -7.22
N HIS B 247 9.15 3.19 -6.81
CA HIS B 247 8.95 3.85 -5.50
C HIS B 247 9.50 5.28 -5.60
N GLY B 248 9.01 6.12 -4.73
CA GLY B 248 9.44 7.51 -4.78
C GLY B 248 8.62 8.42 -3.90
N LEU B 249 8.46 9.66 -4.33
CA LEU B 249 7.67 10.67 -3.60
C LEU B 249 6.48 11.08 -4.47
N TYR B 250 5.28 11.04 -3.93
CA TYR B 250 4.16 11.67 -4.66
C TYR B 250 4.11 13.13 -4.19
N PHE B 251 4.54 14.07 -5.02
CA PHE B 251 4.62 15.49 -4.60
C PHE B 251 3.23 16.14 -4.76
N CYS B 252 2.78 16.81 -3.72
CA CYS B 252 1.46 17.47 -3.75
C CYS B 252 1.58 18.79 -2.98
N ALA B 253 1.22 19.91 -3.61
CA ALA B 253 1.30 21.21 -2.92
C ALA B 253 0.00 22.02 -3.13
N TYR B 254 -0.38 22.80 -2.12
CA TYR B 254 -1.55 23.70 -2.13
C TYR B 254 -1.06 25.14 -1.95
N CYS B 255 -1.64 26.05 -2.69
CA CYS B 255 -1.24 27.48 -2.56
C CYS B 255 -2.38 28.42 -2.99
N ALA B 256 -2.61 29.49 -2.23
CA ALA B 256 -3.63 30.50 -2.59
C ALA B 256 -3.26 31.13 -3.94
N ARG B 257 -1.99 31.07 -4.32
CA ARG B 257 -1.49 31.58 -5.61
C ARG B 257 -0.72 30.48 -6.34
N LEU B 258 -1.05 30.23 -7.60
N LEU B 258 -1.04 30.25 -7.61
CA LEU B 258 -0.32 29.25 -8.42
CA LEU B 258 -0.32 29.25 -8.44
C LEU B 258 1.12 29.75 -8.63
C LEU B 258 1.11 29.75 -8.65
N TYR B 259 1.25 31.09 -8.65
CA TYR B 259 2.56 31.79 -8.85
C TYR B 259 3.67 31.15 -8.00
N ASN B 260 3.45 30.96 -6.70
CA ASN B 260 4.50 30.48 -5.77
C ASN B 260 5.03 29.11 -6.24
N ILE B 261 4.15 28.25 -6.69
CA ILE B 261 4.53 26.89 -7.15
C ILE B 261 5.32 26.99 -8.45
N GLU B 262 4.82 27.79 -9.39
CA GLU B 262 5.45 27.89 -10.73
C GLU B 262 6.86 28.50 -10.61
N GLN B 263 7.01 29.47 -9.71
CA GLN B 263 8.35 30.08 -9.51
C GLN B 263 9.33 28.98 -9.03
N GLN B 264 8.90 28.04 -8.18
CA GLN B 264 9.82 27.00 -7.66
C GLN B 264 10.15 26.01 -8.76
N LEU B 265 9.17 25.70 -9.61
CA LEU B 265 9.38 24.74 -10.73
C LEU B 265 10.33 25.33 -11.76
N LEU B 266 10.10 26.59 -12.14
CA LEU B 266 10.98 27.33 -13.09
C LEU B 266 12.42 27.28 -12.57
N SER B 267 12.56 27.46 -11.26
CA SER B 267 13.89 27.39 -10.59
C SER B 267 14.48 25.97 -10.66
N MET B 268 13.72 24.98 -10.21
CA MET B 268 14.23 23.58 -10.16
C MET B 268 14.59 23.08 -11.56
N PHE B 269 13.81 23.39 -12.58
CA PHE B 269 14.00 22.79 -13.92
C PHE B 269 14.86 23.62 -14.90
N GLY B 270 15.52 24.66 -14.41
CA GLY B 270 16.54 25.43 -15.15
C GLY B 270 16.02 26.59 -15.98
N ASP B 271 14.75 26.89 -15.91
CA ASP B 271 14.15 27.95 -16.73
C ASP B 271 14.55 29.33 -16.22
N THR B 272 14.76 29.50 -14.91
CA THR B 272 15.06 30.83 -14.37
C THR B 272 16.52 31.22 -14.60
N ASP B 273 17.47 30.40 -14.20
CA ASP B 273 18.91 30.79 -14.29
C ASP B 273 19.77 29.75 -15.00
N GLY B 274 19.15 28.77 -15.65
CA GLY B 274 19.84 27.72 -16.39
C GLY B 274 20.44 26.63 -15.49
N LYS B 275 20.25 26.72 -14.19
CA LYS B 275 20.75 25.70 -13.21
C LYS B 275 19.60 24.77 -12.82
N ARG B 276 19.88 23.48 -12.62
CA ARG B 276 18.86 22.46 -12.33
C ARG B 276 19.00 21.93 -10.90
N ASP B 277 17.90 21.47 -10.34
CA ASP B 277 17.89 20.88 -8.99
C ASP B 277 18.86 19.68 -8.98
N ALA B 278 19.77 19.62 -8.00
CA ALA B 278 20.76 18.53 -7.84
C ALA B 278 20.08 17.18 -7.56
N MET B 279 18.82 17.20 -7.13
CA MET B 279 18.09 15.94 -6.83
C MET B 279 17.84 15.14 -8.11
N LEU B 280 17.91 15.78 -9.26
CA LEU B 280 17.73 15.09 -10.57
C LEU B 280 18.86 14.07 -10.81
N ARG B 281 19.88 14.05 -9.97
CA ARG B 281 20.93 13.01 -10.12
C ARG B 281 20.41 11.65 -9.67
N PHE B 282 19.36 11.58 -8.81
CA PHE B 282 18.83 10.26 -8.38
C PHE B 282 17.32 10.11 -8.56
N THR B 283 16.57 11.16 -8.88
CA THR B 283 15.10 11.02 -8.98
C THR B 283 14.56 11.87 -10.13
N LYS B 284 13.45 11.46 -10.70
CA LYS B 284 12.88 12.18 -11.83
C LYS B 284 11.35 12.23 -11.75
N PRO B 285 10.77 13.35 -12.18
CA PRO B 285 9.32 13.52 -12.23
C PRO B 285 8.78 12.80 -13.47
N VAL B 286 7.67 12.07 -13.35
CA VAL B 286 7.06 11.36 -14.50
C VAL B 286 5.59 11.75 -14.78
N THR B 287 5.00 12.57 -13.92
CA THR B 287 3.65 13.12 -14.13
C THR B 287 3.66 14.59 -13.67
N GLY B 288 2.63 15.33 -14.03
CA GLY B 288 2.55 16.74 -13.65
C GLY B 288 1.18 17.31 -13.98
N GLY B 289 0.51 17.91 -13.02
CA GLY B 289 -0.77 18.57 -13.28
C GLY B 289 -1.07 19.73 -12.32
N TYR B 290 -1.84 20.73 -12.81
CA TYR B 290 -2.35 21.85 -11.98
C TYR B 290 -3.88 21.71 -11.88
N TYR B 291 -4.45 21.93 -10.70
CA TYR B 291 -5.90 21.78 -10.48
C TYR B 291 -6.39 22.95 -9.62
N PHE B 292 -7.69 23.22 -9.66
CA PHE B 292 -8.29 24.29 -8.83
C PHE B 292 -9.25 23.61 -7.82
N ALA B 293 -9.03 23.83 -6.53
CA ALA B 293 -9.87 23.28 -5.46
C ALA B 293 -10.85 24.37 -5.03
N PRO B 294 -12.13 24.30 -5.44
CA PRO B 294 -13.08 25.29 -5.01
C PRO B 294 -13.43 25.14 -3.53
N SER B 295 -14.13 26.13 -2.97
CA SER B 295 -14.58 26.04 -1.58
C SER B 295 -15.77 25.08 -1.51
N LEU B 296 -16.15 24.65 -0.32
CA LEU B 296 -17.32 23.75 -0.14
C LEU B 296 -18.60 24.46 -0.59
N GLU B 297 -18.76 25.74 -0.28
CA GLU B 297 -19.97 26.48 -0.69
C GLU B 297 -20.10 26.50 -2.21
N ARG B 298 -18.99 26.67 -2.87
CA ARG B 298 -18.92 26.75 -4.34
C ARG B 298 -19.35 25.44 -4.97
N ILE B 299 -18.93 24.35 -4.34
CA ILE B 299 -19.28 23.02 -4.85
C ILE B 299 -20.79 22.84 -4.71
N GLN B 300 -21.32 23.24 -3.56
CA GLN B 300 -22.78 23.09 -3.29
C GLN B 300 -23.58 23.90 -4.32
N ALA B 301 -22.99 24.98 -4.81
CA ALA B 301 -23.66 25.94 -5.72
C ALA B 301 -23.52 25.55 -7.20
N LEU B 302 -22.89 24.42 -7.51
CA LEU B 302 -22.73 23.97 -8.92
C LEU B 302 -24.11 23.66 -9.52
N GLY B 303 -24.77 22.60 -9.06
CA GLY B 303 -26.02 22.04 -9.63
C GLY B 303 -27.33 22.63 -9.16
CHA HEM C . -13.23 -18.78 6.88
CHB HEM C . -13.13 -15.52 3.33
CHC HEM C . -9.95 -18.25 0.94
CHD HEM C . -9.88 -21.41 4.60
C1A HEM C . -13.50 -17.66 6.09
C2A HEM C . -14.53 -16.68 6.40
C3A HEM C . -14.50 -15.78 5.36
C4A HEM C . -13.49 -16.24 4.45
CMA HEM C . -15.41 -14.59 5.23
CAA HEM C . -15.47 -16.64 7.63
CBA HEM C . -14.90 -15.90 8.88
CGA HEM C . -13.81 -16.75 9.47
O1A HEM C . -14.00 -17.77 10.19
O2A HEM C . -12.56 -16.46 9.25
C1B HEM C . -12.18 -15.98 2.39
C2B HEM C . -11.95 -15.27 1.15
C3B HEM C . -11.07 -16.08 0.43
C4B HEM C . -10.78 -17.23 1.33
CMB HEM C . -12.61 -13.95 0.69
CAB HEM C . -10.46 -15.86 -0.94
CBB HEM C . -11.24 -15.26 -1.90
C1C HEM C . -9.67 -19.36 1.71
C2C HEM C . -8.78 -20.43 1.29
C3C HEM C . -8.75 -21.35 2.34
C4C HEM C . -9.64 -20.80 3.37
CMC HEM C . -8.02 -20.49 -0.04
CAC HEM C . -8.07 -22.70 2.52
CBC HEM C . -7.17 -23.23 1.71
C1D HEM C . -10.74 -20.89 5.57
C2D HEM C . -10.97 -21.58 6.88
C3D HEM C . -11.90 -20.85 7.47
C4D HEM C . -12.22 -19.73 6.59
CMD HEM C . -10.32 -22.87 7.42
CAD HEM C . -12.54 -21.10 8.82
CBD HEM C . -13.75 -22.06 8.57
CGD HEM C . -14.44 -22.47 9.89
O1D HEM C . -13.93 -23.24 10.66
O2D HEM C . -15.62 -21.99 10.24
NA HEM C . -12.92 -17.44 4.85
NB HEM C . -11.50 -17.18 2.48
NC HEM C . -10.23 -19.60 2.95
ND HEM C . -11.50 -19.78 5.42
FE HEM C . -11.66 -18.60 3.85
HHB HEM C . -13.19 -14.43 3.40
HHC HEM C . -9.93 -18.45 -0.14
HHD HEM C . -9.11 -22.08 4.98
HMA HEM C . -16.43 -14.87 5.45
HMAA HEM C . -15.38 -14.17 4.23
HMAB HEM C . -15.11 -13.81 5.93
HAA HEM C . -15.72 -17.66 7.91
HAAA HEM C . -16.39 -16.16 7.31
HBA HEM C . -15.68 -15.72 9.62
HBAA HEM C . -14.51 -14.92 8.60
HMB HEM C . -11.89 -13.35 0.11
HMBA HEM C . -12.97 -13.34 1.52
HMBB HEM C . -13.47 -14.16 0.04
HAB HEM C . -9.38 -15.75 -0.95
HBB HEM C . -10.82 -14.72 -2.74
HBBA HEM C . -12.32 -15.27 -1.86
HMC HEM C . -8.55 -21.10 -0.77
HMCA HEM C . -7.03 -20.94 0.11
HMCB HEM C . -7.87 -19.50 -0.45
HAC HEM C . -8.63 -23.38 3.16
HBC HEM C . -6.20 -23.60 2.05
HBCA HEM C . -7.29 -23.23 0.63
HMD HEM C . -11.00 -23.40 8.09
HMDA HEM C . -9.41 -22.64 7.98
HMDB HEM C . -10.06 -23.54 6.60
HAD HEM C . -12.84 -20.17 9.29
HADA HEM C . -11.81 -21.57 9.48
HBD HEM C . -13.43 -22.97 8.06
HBDA HEM C . -14.47 -21.58 7.91
HHA HEM C . -14.10 -19.17 7.38
C1 GOL D . -7.03 -13.18 10.87
C1 GOL D . -6.08 -13.33 9.01
O1 GOL D . -6.93 -11.89 11.45
O1 GOL D . -5.48 -12.08 8.77
C2 GOL D . -7.05 -13.09 9.36
C2 GOL D . -7.56 -13.25 8.71
O2 GOL D . -5.79 -12.58 8.88
O2 GOL D . -8.22 -12.64 9.82
C3 GOL D . -7.32 -14.44 8.74
C3 GOL D . -8.13 -14.62 8.45
O3 GOL D . -7.38 -14.34 7.33
O3 GOL D . -7.68 -15.11 7.20
H11 GOL D . -7.91 -13.70 11.25
H11 GOL D . -5.91 -13.65 10.02
H12 GOL D . -6.18 -13.78 11.20
H12 GOL D . -5.60 -14.08 8.37
HO1 GOL D . -7.08 -12.02 12.42
HO1 GOL D . -4.58 -12.13 9.18
H2 GOL D . -7.76 -12.34 9.01
H2 GOL D . -7.77 -12.57 7.90
HO2 GOL D . -5.07 -13.15 9.24
HO2 GOL D . -8.76 -11.88 9.49
H31 GOL D . -8.24 -14.87 9.12
H31 GOL D . -9.22 -14.60 8.45
H32 GOL D . -6.53 -15.13 9.03
H32 GOL D . -7.84 -15.32 9.25
HO3 GOL D . -7.84 -15.15 7.01
HO3 GOL D . -8.01 -14.47 6.51
C1 GOL E . -2.13 -30.15 15.00
O1 GOL E . -1.40 -30.58 16.15
C2 GOL E . -1.17 -29.97 13.84
O2 GOL E . -0.46 -31.19 13.65
C3 GOL E . -1.86 -29.59 12.55
O3 GOL E . -2.70 -28.47 12.71
H11 GOL E . -2.66 -29.22 15.23
H12 GOL E . -2.90 -30.87 14.76
HO1 GOL E . -2.09 -30.85 16.82
H2 GOL E . -0.37 -29.28 14.10
HO2 GOL E . -1.11 -31.91 13.47
H31 GOL E . -1.12 -29.40 11.77
H32 GOL E . -2.44 -30.44 12.18
HO3 GOL E . -2.12 -27.68 12.56
C1 GOL F . -9.16 -42.98 14.97
O1 GOL F . -8.01 -43.69 15.41
C2 GOL F . -9.04 -41.49 15.26
O2 GOL F . -10.17 -40.83 14.70
C3 GOL F . -8.94 -41.20 16.74
O3 GOL F . -10.03 -40.41 17.21
H11 GOL F . -9.34 -43.15 13.92
H12 GOL F . -10.05 -43.34 15.47
HO1 GOL F . -8.32 -44.62 15.53
H2 GOL F . -8.21 -41.07 14.70
HO2 GOL F . -10.96 -41.07 15.24
H31 GOL F . -8.83 -42.10 17.33
H32 GOL F . -8.01 -40.64 16.91
HO3 GOL F . -9.71 -39.94 18.00
C1 GOL G . -18.60 -4.15 0.18
O1 GOL G . -19.62 -4.35 1.16
C2 GOL G . -19.19 -4.23 -1.20
O2 GOL G . -20.03 -5.38 -1.31
C3 GOL G . -18.07 -4.31 -2.22
O3 GOL G . -17.27 -3.14 -2.16
H11 GOL G . -18.10 -3.20 0.35
H12 GOL G . -17.83 -4.91 0.30
HO1 GOL G . -19.16 -4.32 2.04
H2 GOL G . -19.88 -3.41 -1.41
HO2 GOL G . -20.43 -5.39 -2.22
H31 GOL G . -17.47 -5.20 -2.06
H32 GOL G . -18.49 -4.43 -3.23
HO3 GOL G . -17.22 -2.81 -3.09
C1 GOL H . 0.83 -3.71 -3.64
O1 GOL H . -0.04 -4.59 -2.92
C2 GOL H . 0.78 -4.00 -5.12
O2 GOL H . 1.65 -5.09 -5.40
C3 GOL H . -0.62 -4.33 -5.58
O3 GOL H . -1.51 -3.26 -5.27
H11 GOL H . 0.54 -2.67 -3.45
H12 GOL H . 1.84 -3.81 -3.26
HO1 GOL H . -0.83 -4.05 -2.68
H2 GOL H . 1.22 -3.19 -5.70
HO2 GOL H . 2.45 -4.76 -5.88
H31 GOL H . -0.97 -5.27 -5.19
H32 GOL H . -0.61 -4.47 -6.67
HO3 GOL H . -1.58 -2.71 -6.09
C1 GOL I . 11.69 -22.08 -11.63
O1 GOL I . 10.88 -21.48 -12.62
C2 GOL I . 10.87 -22.55 -10.46
O2 GOL I . 10.33 -21.40 -9.76
C3 GOL I . 11.73 -23.37 -9.54
O3 GOL I . 11.01 -23.78 -8.37
H11 GOL I . 12.25 -22.92 -12.06
H12 GOL I . 12.45 -21.37 -11.29
HO1 GOL I . 10.88 -20.51 -12.42
H2 GOL I . 9.96 -23.08 -10.76
HO2 GOL I . 9.54 -21.08 -10.27
H31 GOL I . 12.62 -22.82 -9.25
H32 GOL I . 12.09 -24.26 -10.06
HO3 GOL I . 10.69 -24.69 -8.56
MG MG J . -17.00 -24.77 12.73
CHA HEM K . 11.87 21.15 1.30
CHB HEM K . 12.48 16.73 -0.48
CHC HEM K . 10.15 18.06 -4.51
CHD HEM K . 9.36 22.44 -2.61
C1A HEM K . 12.29 19.83 1.13
C2A HEM K . 13.13 19.13 2.08
C3A HEM K . 13.31 17.88 1.52
C4A HEM K . 12.59 17.87 0.29
CMA HEM K . 14.15 16.79 2.14
CAA HEM K . 13.72 19.64 3.41
CBA HEM K . 12.82 19.44 4.66
CGA HEM K . 11.66 20.39 4.56
O1A HEM K . 10.61 19.90 4.12
O2A HEM K . 11.72 21.61 4.91
C1B HEM K . 11.81 16.71 -1.73
C2B HEM K . 11.86 15.53 -2.58
C3B HEM K . 11.24 15.92 -3.77
C4B HEM K . 10.80 17.33 -3.52
CMB HEM K . 12.55 14.19 -2.27
CAB HEM K . 10.97 15.15 -5.03
CBB HEM K . 11.93 14.25 -5.44
C1C HEM K . 9.75 19.37 -4.36
C2C HEM K . 9.06 20.11 -5.38
C3C HEM K . 8.82 21.38 -4.85
C4C HEM K . 9.40 21.35 -3.51
CMC HEM K . 8.64 19.59 -6.77
CAC HEM K . 8.19 22.65 -5.41
CBC HEM K . 7.55 22.73 -6.58
C1D HEM K . 9.93 22.40 -1.34
C2D HEM K . 9.86 23.59 -0.41
C3D HEM K . 10.56 23.21 0.66
C4D HEM K . 11.03 21.85 0.40
CMD HEM K . 9.18 24.94 -0.62
CAD HEM K . 10.86 24.04 1.88
CBD HEM K . 12.16 24.86 1.57
CGD HEM K . 12.50 25.82 2.72
O1D HEM K . 13.44 25.58 3.43
O2D HEM K . 11.75 26.90 2.87
NA HEM K . 12.00 19.09 0.00
NB HEM K . 11.20 17.80 -2.33
NC HEM K . 10.00 20.13 -3.23
ND HEM K . 10.63 21.38 -0.81
FE HEM K . 11.12 19.66 -1.67
HHB HEM K . 12.46 15.78 0.04
HHC HEM K . 10.41 17.78 -5.54
HHD HEM K . 8.56 23.16 -2.75
HMA HEM K . 15.11 17.18 2.47
HMAA HEM K . 14.35 16.00 1.43
HMAB HEM K . 13.64 16.36 3.00
HAA HEM K . 13.95 20.71 3.31
HAAA HEM K . 14.67 19.13 3.56
HBA HEM K . 13.39 19.64 5.58
HBAA HEM K . 12.45 18.42 4.73
HMB HEM K . 11.96 13.38 -2.71
HMBA HEM K . 12.65 14.01 -1.21
HMBB HEM K . 13.54 14.16 -2.71
HAB HEM K . 9.93 14.97 -5.26
HBB HEM K . 11.70 13.37 -6.05
HBBA HEM K . 12.97 14.33 -5.12
HMC HEM K . 9.37 19.85 -7.54
HMCA HEM K . 7.68 20.00 -7.06
HMCB HEM K . 8.55 18.50 -6.75
HAC HEM K . 8.62 23.55 -5.00
HBC HEM K . 6.55 23.16 -6.67
HBCA HEM K . 7.94 22.30 -7.49
HMD HEM K . 9.69 25.74 -0.09
HMDA HEM K . 8.15 24.90 -0.27
HMDB HEM K . 9.17 25.20 -1.69
HAD HEM K . 10.98 23.40 2.76
HADA HEM K . 10.01 24.70 2.09
HBD HEM K . 12.01 25.46 0.67
HBDA HEM K . 12.99 24.19 1.36
HHA HEM K . 12.62 21.77 1.80
C1 GOL L . 4.63 17.46 5.38
O1 GOL L . 4.48 16.56 6.47
C2 GOL L . 5.00 16.73 4.10
O2 GOL L . 3.93 15.86 3.69
C3 GOL L . 5.29 17.73 3.00
O3 GOL L . 6.44 17.34 2.28
H11 GOL L . 5.34 18.23 5.63
H12 GOL L . 3.67 17.98 5.23
HO1 GOL L . 4.35 17.13 7.27
H2 GOL L . 5.83 16.03 4.26
HO2 GOL L . 3.09 16.39 3.64
H31 GOL L . 4.43 17.78 2.35
H32 GOL L . 5.42 18.74 3.41
HO3 GOL L . 6.29 17.68 1.36
C1 GOL M . 17.74 5.55 2.98
O1 GOL M . 18.43 6.24 4.01
C2 GOL M . 18.71 5.05 1.94
O2 GOL M . 19.59 6.11 1.54
C3 GOL M . 17.97 4.53 0.73
O3 GOL M . 17.21 3.37 1.07
H11 GOL M . 16.98 6.18 2.54
H12 GOL M . 17.20 4.70 3.41
HO1 GOL M . 17.80 6.31 4.77
H2 GOL M . 19.40 4.30 2.33
HO2 GOL M . 20.27 5.73 0.93
H31 GOL M . 18.65 4.30 -0.09
H32 GOL M . 17.30 5.30 0.34
HO3 GOL M . 17.86 2.64 1.18
C1 GOL N . -7.94 17.38 -20.77
O1 GOL N . -7.30 17.93 -19.62
C2 GOL N . -7.85 15.87 -20.76
O2 GOL N . -6.75 15.44 -19.94
C3 GOL N . -7.64 15.33 -22.17
O3 GOL N . -8.86 15.41 -22.90
H11 GOL N . -7.52 17.82 -21.67
H12 GOL N . -8.98 17.67 -20.78
HO1 GOL N . -6.80 18.73 -19.94
H2 GOL N . -8.70 15.41 -20.28
HO2 GOL N . -5.93 15.87 -20.28
H31 GOL N . -7.27 14.31 -22.14
H32 GOL N . -6.87 15.91 -22.69
HO3 GOL N . -9.10 14.47 -23.12
C1 GOL O . -12.29 2.89 -18.00
O1 GOL O . -12.71 4.03 -17.27
C2 GOL O . -11.44 3.32 -19.18
O2 GOL O . -11.99 4.52 -19.77
C3 GOL O . -11.35 2.22 -20.21
O3 GOL O . -10.40 2.58 -21.19
H11 GOL O . -11.76 2.18 -17.37
H12 GOL O . -13.16 2.36 -18.38
HO1 GOL O . -11.92 4.28 -16.71
H2 GOL O . -10.45 3.66 -18.88
HO2 GOL O . -12.77 4.28 -20.34
H31 GOL O . -12.32 2.02 -20.67
H32 GOL O . -11.06 1.29 -19.73
HO3 GOL O . -10.83 3.29 -21.74
MG MG P . 14.37 29.13 4.90
#